data_7X1O
#
_entry.id   7X1O
#
_cell.length_a   72.030
_cell.length_b   93.730
_cell.length_c   87.090
_cell.angle_alpha   90.000
_cell.angle_beta   109.620
_cell.angle_gamma   90.000
#
_symmetry.space_group_name_H-M   'P 1 21 1'
#
loop_
_entity.id
_entity.type
_entity.pdbx_description
1 polymer 'Bifunctional glutamate/proline--tRNA ligase'
2 non-polymer 7-bromo-6-chloro-3-{3-[(2R,3S)-3-hydroxypiperidin-2-yl]-2-oxopropyl}quinazolin-4(3H)-one
3 non-polymer ~{N}-[4-[(3~{S})-3-cyano-3-cyclopropyl-2-oxidanylidene-pyrrolidin-1-yl]-6-methyl-pyridin-2-yl]-2-phenyl-ethanamide
4 non-polymer 'ZINC ION'
5 non-polymer 'BROMIDE ION'
6 non-polymer 'CALCIUM ION'
7 non-polymer GLYCEROL
8 water water
#
_entity_poly.entity_id   1
_entity_poly.type   'polypeptide(L)'
_entity_poly.pdbx_seq_one_letter_code
;PKKQTRLGLEAKKEENLADWYSQVITKSEMIEYHDISGCYILRPWAYAIWEAIKDFFDAEIKKLGVENCYFPMFVSQSAL
EKEKTHVADFAPEVAWVTRSGKTELAEPIAIRPTSETVMYPAYAKWVQSHRDLPIKLNQWCNVVRWEFKHPQPFLRTREF
LWQEGHSAFATMEEAAEEVLQILDLYAQVYEELLAIPVVKGRKTEKEKFAGGDYTTTIEAFISASGRAIQGGTSHHLGQN
FSKMFEIVFEDPKIPGEKQFAYQNSWGLTTRTIGVMTMVHGDNMGLVLPPRVACVQVVIIPCGITNALSEEDKEALIAKC
NDYRRRLLSVNIRVRADLRDNYSPGWKFNHWELKGVPIRLEVGPRDMKSCQFVAVRRDTGEKLTVAENEAETKLQAILED
IQVTLFTRASEDLKTHMVVANTMEDFQKILDSGKIVQIPFCGEIDCEDWIKKTTARDQDLEPGAPSMGAKSLCIPFKPLC
ELQPGAKCVCGKNPAKYYTLFGRSY
;
_entity_poly.pdbx_strand_id   A,B
#
loop_
_chem_comp.id
_chem_comp.type
_chem_comp.name
_chem_comp.formula
BR non-polymer 'BROMIDE ION' 'Br -1'
CA non-polymer 'CALCIUM ION' 'Ca 2'
GOL non-polymer GLYCEROL 'C3 H8 O3'
HFG non-polymer 7-bromo-6-chloro-3-{3-[(2R,3S)-3-hydroxypiperidin-2-yl]-2-oxopropyl}quinazolin-4(3H)-one 'C16 H17 Br Cl N3 O3'
JE6 non-polymer ~{N}-[4-[(3~{S})-3-cyano-3-cyclopropyl-2-oxidanylidene-pyrrolidin-1-yl]-6-methyl-pyridin-2-yl]-2-phenyl-ethanamide 'C22 H22 N4 O2'
ZN non-polymer 'ZINC ION' 'Zn 2'
#
# COMPACT_ATOMS: atom_id res chain seq x y z
N LEU A 9 19.97 -12.84 -23.06
CA LEU A 9 19.41 -11.64 -23.69
C LEU A 9 19.97 -11.46 -25.09
N GLU A 10 19.09 -11.20 -26.05
CA GLU A 10 19.48 -11.14 -27.46
C GLU A 10 19.59 -9.70 -27.97
N ALA A 11 18.51 -8.93 -27.88
CA ALA A 11 18.50 -7.58 -28.44
C ALA A 11 19.52 -6.68 -27.77
N LYS A 12 19.97 -5.67 -28.51
CA LYS A 12 21.05 -4.78 -28.08
C LYS A 12 20.48 -3.39 -27.81
N LYS A 13 20.91 -2.77 -26.72
CA LYS A 13 20.35 -1.48 -26.33
C LYS A 13 20.55 -0.39 -27.38
N GLU A 14 21.67 -0.45 -28.14
CA GLU A 14 21.94 0.57 -29.15
C GLU A 14 21.26 0.27 -30.48
N GLU A 15 20.83 -0.97 -30.70
CA GLU A 15 20.05 -1.37 -31.86
C GLU A 15 18.70 -1.81 -31.32
N ASN A 16 17.62 -1.07 -31.64
CA ASN A 16 16.30 -1.58 -31.29
C ASN A 16 16.03 -1.41 -29.80
N LEU A 17 15.88 -0.17 -29.33
CA LEU A 17 15.78 0.07 -27.90
C LEU A 17 14.47 -0.48 -27.33
N ALA A 18 13.38 -0.40 -28.10
CA ALA A 18 12.10 -0.92 -27.63
C ALA A 18 12.19 -2.41 -27.37
N ASP A 19 12.82 -3.14 -28.28
CA ASP A 19 12.92 -4.58 -28.12
C ASP A 19 13.84 -4.93 -26.97
N TRP A 20 14.97 -4.23 -26.86
CA TRP A 20 15.85 -4.42 -25.72
C TRP A 20 15.08 -4.24 -24.42
N TYR A 21 14.27 -3.18 -24.35
CA TYR A 21 13.57 -2.84 -23.12
C TYR A 21 12.53 -3.88 -22.75
N SER A 22 11.74 -4.32 -23.73
CA SER A 22 10.77 -5.37 -23.44
C SER A 22 11.45 -6.66 -22.98
N GLN A 23 12.52 -7.05 -23.67
CA GLN A 23 13.23 -8.26 -23.26
C GLN A 23 13.83 -8.13 -21.86
N VAL A 24 14.47 -6.98 -21.56
CA VAL A 24 15.01 -6.77 -20.22
C VAL A 24 13.92 -6.88 -19.16
N ILE A 25 12.81 -6.17 -19.34
CA ILE A 25 11.84 -6.11 -18.24
C ILE A 25 11.16 -7.45 -18.04
N THR A 26 11.03 -8.25 -19.10
CA THR A 26 10.38 -9.54 -18.86
C THR A 26 11.37 -10.60 -18.39
N LYS A 27 12.53 -10.72 -19.04
CA LYS A 27 13.50 -11.73 -18.64
C LYS A 27 14.09 -11.44 -17.25
N SER A 28 14.12 -10.18 -16.81
CA SER A 28 14.44 -9.96 -15.41
C SER A 28 13.27 -10.30 -14.46
N GLU A 29 12.12 -10.70 -14.99
CA GLU A 29 10.92 -11.01 -14.21
C GLU A 29 10.39 -9.79 -13.46
N MET A 30 10.56 -8.60 -14.04
CA MET A 30 9.93 -7.42 -13.45
C MET A 30 8.50 -7.24 -13.93
N ILE A 31 8.24 -7.46 -15.21
CA ILE A 31 6.98 -7.10 -15.83
C ILE A 31 6.37 -8.34 -16.46
N GLU A 32 5.06 -8.47 -16.36
CA GLU A 32 4.35 -9.38 -17.25
C GLU A 32 3.22 -8.61 -17.92
N TYR A 33 2.95 -8.97 -19.16
CA TYR A 33 1.93 -8.25 -19.90
C TYR A 33 0.54 -8.74 -19.52
N HIS A 34 -0.42 -7.82 -19.60
CA HIS A 34 -1.82 -8.04 -19.33
C HIS A 34 -2.57 -8.01 -20.65
N ASP A 35 -3.77 -8.58 -20.66
CA ASP A 35 -4.52 -8.60 -21.92
C ASP A 35 -5.26 -7.29 -22.19
N ILE A 36 -5.06 -6.27 -21.37
CA ILE A 36 -5.58 -4.93 -21.62
C ILE A 36 -4.39 -4.02 -21.87
N SER A 37 -4.37 -3.39 -23.05
CA SER A 37 -3.27 -2.51 -23.45
C SER A 37 -2.98 -1.43 -22.43
N GLY A 38 -1.69 -1.21 -22.17
CA GLY A 38 -1.28 -0.15 -21.26
C GLY A 38 -1.41 -0.47 -19.79
N CYS A 39 -1.69 -1.73 -19.46
CA CYS A 39 -1.74 -2.23 -18.08
C CYS A 39 -0.71 -3.37 -17.95
N TYR A 40 0.08 -3.33 -16.89
CA TYR A 40 1.16 -4.29 -16.75
C TYR A 40 1.16 -4.85 -15.34
N ILE A 41 1.57 -6.12 -15.21
CA ILE A 41 1.74 -6.76 -13.92
C ILE A 41 3.11 -6.40 -13.39
N LEU A 42 3.17 -5.90 -12.16
CA LEU A 42 4.43 -5.67 -11.46
C LEU A 42 4.75 -6.92 -10.66
N ARG A 43 5.73 -7.68 -11.10
CA ARG A 43 6.12 -8.88 -10.41
C ARG A 43 7.00 -8.49 -9.23
N PRO A 44 7.24 -9.43 -8.28
CA PRO A 44 7.98 -9.08 -7.06
C PRO A 44 9.32 -8.38 -7.28
N TRP A 45 10.04 -8.73 -8.35
CA TRP A 45 11.35 -8.12 -8.58
C TRP A 45 11.23 -6.63 -8.87
N ALA A 46 10.13 -6.19 -9.52
CA ALA A 46 9.89 -4.76 -9.74
C ALA A 46 9.29 -4.09 -8.50
N TYR A 47 8.30 -4.78 -7.93
CA TYR A 47 7.60 -4.27 -6.76
C TYR A 47 8.54 -4.03 -5.58
N ALA A 48 9.54 -4.88 -5.39
CA ALA A 48 10.49 -4.68 -4.28
C ALA A 48 11.24 -3.37 -4.43
N ILE A 49 11.51 -2.95 -5.67
CA ILE A 49 12.15 -1.66 -5.87
C ILE A 49 11.20 -0.55 -5.46
N TRP A 50 9.95 -0.67 -5.86
CA TRP A 50 8.97 0.32 -5.41
C TRP A 50 8.89 0.33 -3.88
N GLU A 51 8.97 -0.84 -3.24
CA GLU A 51 8.90 -0.89 -1.78
C GLU A 51 10.07 -0.15 -1.14
N ALA A 52 11.28 -0.31 -1.69
CA ALA A 52 12.43 0.44 -1.20
C ALA A 52 12.23 1.96 -1.35
N ILE A 53 11.79 2.39 -2.54
CA ILE A 53 11.50 3.81 -2.75
C ILE A 53 10.50 4.31 -1.72
N LYS A 54 9.46 3.51 -1.49
CA LYS A 54 8.38 3.85 -0.58
C LYS A 54 8.88 3.99 0.85
N ASP A 55 9.73 3.07 1.30
CA ASP A 55 10.24 3.15 2.66
C ASP A 55 11.01 4.44 2.86
N PHE A 56 11.89 4.77 1.91
CA PHE A 56 12.66 6.00 2.05
C PHE A 56 11.75 7.23 2.08
N PHE A 57 10.91 7.38 1.05
CA PHE A 57 10.15 8.61 0.89
C PHE A 57 9.13 8.77 1.99
N ASP A 58 8.49 7.67 2.40
CA ASP A 58 7.52 7.70 3.47
C ASP A 58 8.17 8.16 4.76
N ALA A 59 9.35 7.60 5.12
CA ALA A 59 10.00 8.10 6.33
C ALA A 59 10.29 9.60 6.21
N GLU A 60 10.73 10.04 5.03
CA GLU A 60 11.16 11.43 4.91
C GLU A 60 9.98 12.39 5.01
N ILE A 61 8.86 12.09 4.35
CA ILE A 61 7.73 13.01 4.46
C ILE A 61 7.16 12.97 5.86
N LYS A 62 7.24 11.81 6.55
CA LYS A 62 6.79 11.79 7.94
C LYS A 62 7.60 12.76 8.78
N LYS A 63 8.91 12.84 8.52
CA LYS A 63 9.73 13.81 9.24
C LYS A 63 9.21 15.24 9.06
N LEU A 64 8.50 15.53 7.97
CA LEU A 64 7.97 16.87 7.70
C LEU A 64 6.54 17.07 8.23
N GLY A 65 5.96 16.08 8.90
CA GLY A 65 4.62 16.18 9.44
C GLY A 65 3.53 15.65 8.55
N VAL A 66 3.86 14.95 7.47
CA VAL A 66 2.84 14.47 6.55
C VAL A 66 2.26 13.16 7.07
N GLU A 67 0.94 13.01 7.00
CA GLU A 67 0.28 11.81 7.46
C GLU A 67 -0.35 11.06 6.30
N ASN A 68 -0.35 9.73 6.39
CA ASN A 68 -0.91 8.94 5.32
C ASN A 68 -2.42 8.73 5.52
N CYS A 69 -3.14 8.57 4.43
CA CYS A 69 -4.58 8.39 4.48
C CYS A 69 -5.04 7.81 3.16
N TYR A 70 -6.27 7.34 3.11
CA TYR A 70 -6.75 6.80 1.83
C TYR A 70 -8.13 7.36 1.56
N PHE A 71 -8.27 8.06 0.40
CA PHE A 71 -9.51 8.62 -0.11
C PHE A 71 -10.09 7.70 -1.18
N PRO A 72 -11.40 7.79 -1.41
CA PRO A 72 -12.06 6.91 -2.39
C PRO A 72 -11.46 7.03 -3.78
N MET A 73 -11.54 5.93 -4.52
CA MET A 73 -11.12 5.91 -5.91
C MET A 73 -12.13 6.62 -6.82
N PHE A 74 -13.39 6.72 -6.41
CA PHE A 74 -14.45 7.20 -7.29
C PHE A 74 -14.70 8.67 -7.08
N VAL A 75 -14.89 9.39 -8.18
CA VAL A 75 -15.13 10.83 -8.17
C VAL A 75 -16.50 11.06 -8.78
N SER A 76 -17.32 11.87 -8.12
CA SER A 76 -18.60 12.17 -8.74
C SER A 76 -18.41 13.05 -9.97
N GLN A 77 -19.39 13.00 -10.87
CA GLN A 77 -19.44 13.95 -11.97
C GLN A 77 -19.36 15.40 -11.48
N SER A 78 -20.12 15.74 -10.44
CA SER A 78 -20.15 17.13 -9.97
C SER A 78 -18.82 17.53 -9.36
N ALA A 79 -18.23 16.67 -8.53
CA ALA A 79 -16.94 17.01 -7.95
C ALA A 79 -15.89 17.18 -9.05
N LEU A 80 -15.92 16.28 -10.04
CA LEU A 80 -14.92 16.31 -11.09
C LEU A 80 -15.06 17.54 -11.97
N GLU A 81 -16.29 17.89 -12.37
CA GLU A 81 -16.57 19.02 -13.23
C GLU A 81 -16.78 20.33 -12.46
N LYS A 82 -16.34 20.38 -11.20
CA LYS A 82 -16.33 21.62 -10.43
C LYS A 82 -15.11 22.47 -10.74
N GLU A 83 -14.34 22.12 -11.77
CA GLU A 83 -13.09 22.82 -12.07
C GLU A 83 -13.34 24.22 -12.64
N PRO A 92 -10.90 15.02 -21.71
CA PRO A 92 -10.50 14.59 -20.37
C PRO A 92 -10.72 13.08 -20.23
N GLU A 93 -9.68 12.30 -20.56
CA GLU A 93 -9.85 10.86 -20.73
C GLU A 93 -9.76 10.15 -19.37
N VAL A 94 -10.81 10.43 -18.59
CA VAL A 94 -11.13 9.70 -17.36
C VAL A 94 -11.95 8.47 -17.70
N ALA A 95 -11.70 7.37 -16.98
CA ALA A 95 -12.48 6.14 -17.13
C ALA A 95 -13.78 6.26 -16.35
N TRP A 96 -14.91 6.13 -17.06
CA TRP A 96 -16.24 6.23 -16.45
C TRP A 96 -16.83 4.84 -16.16
N VAL A 97 -17.15 4.59 -14.90
CA VAL A 97 -18.05 3.50 -14.52
C VAL A 97 -19.49 3.93 -14.79
N THR A 98 -20.21 3.16 -15.59
CA THR A 98 -21.57 3.53 -15.95
C THR A 98 -22.61 2.48 -15.60
N ARG A 99 -22.21 1.29 -15.16
CA ARG A 99 -23.19 0.27 -14.79
C ARG A 99 -22.54 -0.73 -13.86
N SER A 100 -23.38 -1.36 -13.04
CA SER A 100 -23.00 -2.50 -12.23
C SER A 100 -23.74 -3.68 -12.80
N GLY A 101 -23.01 -4.73 -13.15
CA GLY A 101 -23.63 -5.75 -13.98
C GLY A 101 -24.28 -5.12 -15.19
N LYS A 102 -25.49 -5.54 -15.48
CA LYS A 102 -26.19 -5.03 -16.64
C LYS A 102 -27.05 -3.80 -16.36
N THR A 103 -27.02 -3.26 -15.14
CA THR A 103 -27.93 -2.17 -14.78
C THR A 103 -27.16 -0.85 -14.65
N GLU A 104 -27.64 0.17 -15.35
CA GLU A 104 -26.97 1.48 -15.39
C GLU A 104 -26.96 2.14 -14.01
N LEU A 105 -25.81 2.69 -13.63
CA LEU A 105 -25.77 3.56 -12.46
C LEU A 105 -26.68 4.76 -12.67
N ALA A 106 -27.24 5.26 -11.57
CA ALA A 106 -28.07 6.47 -11.64
C ALA A 106 -27.29 7.61 -12.29
N GLU A 107 -26.03 7.79 -11.91
CA GLU A 107 -25.11 8.72 -12.54
C GLU A 107 -23.77 8.03 -12.72
N PRO A 108 -23.09 8.26 -13.85
CA PRO A 108 -21.75 7.66 -14.04
C PRO A 108 -20.81 8.22 -12.99
N ILE A 109 -19.84 7.40 -12.59
CA ILE A 109 -18.82 7.85 -11.67
C ILE A 109 -17.47 7.54 -12.30
N ALA A 110 -16.46 8.29 -11.88
CA ALA A 110 -15.18 8.34 -12.55
C ALA A 110 -14.11 7.71 -11.68
N ILE A 111 -13.13 7.11 -12.32
CA ILE A 111 -11.96 6.64 -11.56
C ILE A 111 -10.96 7.78 -11.48
N ARG A 112 -10.42 7.98 -10.26
CA ARG A 112 -9.53 9.12 -10.01
C ARG A 112 -8.37 9.12 -11.00
N PRO A 113 -8.14 10.22 -11.74
CA PRO A 113 -6.85 10.40 -12.41
C PRO A 113 -5.81 11.10 -11.54
N THR A 114 -6.26 11.61 -10.39
CA THR A 114 -5.54 12.34 -9.37
C THR A 114 -6.64 12.70 -8.37
N SER A 115 -6.33 13.02 -7.13
CA SER A 115 -7.40 13.08 -6.12
C SER A 115 -7.75 14.48 -5.61
N GLU A 116 -7.29 15.56 -6.26
CA GLU A 116 -7.68 16.92 -5.83
C GLU A 116 -9.19 17.07 -5.62
N THR A 117 -9.98 16.57 -6.57
CA THR A 117 -11.41 16.84 -6.51
C THR A 117 -12.11 15.94 -5.49
N VAL A 118 -11.45 14.88 -5.04
CA VAL A 118 -11.93 14.01 -3.99
C VAL A 118 -11.54 14.54 -2.62
N MET A 119 -10.32 15.05 -2.50
CA MET A 119 -9.79 15.50 -1.22
C MET A 119 -10.23 16.91 -0.85
N TYR A 120 -10.25 17.84 -1.80
CA TYR A 120 -10.35 19.23 -1.35
C TYR A 120 -11.72 19.60 -0.77
N PRO A 121 -12.83 18.96 -1.16
CA PRO A 121 -14.07 19.20 -0.38
C PRO A 121 -13.91 18.84 1.08
N ALA A 122 -13.21 17.74 1.36
CA ALA A 122 -13.00 17.35 2.75
C ALA A 122 -12.14 18.37 3.46
N TYR A 123 -11.08 18.84 2.80
CA TYR A 123 -10.26 19.91 3.37
C TYR A 123 -11.13 21.11 3.73
N ALA A 124 -12.01 21.50 2.81
CA ALA A 124 -12.84 22.67 3.06
C ALA A 124 -13.69 22.48 4.30
N LYS A 125 -14.17 21.26 4.52
CA LYS A 125 -14.94 21.00 5.73
C LYS A 125 -14.07 20.94 6.98
N TRP A 126 -12.81 20.52 6.86
CA TRP A 126 -11.99 20.36 8.05
C TRP A 126 -11.37 21.67 8.53
N VAL A 127 -11.22 22.65 7.64
CA VAL A 127 -10.60 23.94 7.99
C VAL A 127 -11.70 24.89 8.47
N GLN A 128 -11.66 25.24 9.76
CA GLN A 128 -12.52 26.26 10.35
C GLN A 128 -11.75 27.51 10.72
N SER A 129 -10.61 27.34 11.39
CA SER A 129 -9.78 28.43 11.86
C SER A 129 -8.38 28.24 11.30
N HIS A 130 -7.53 29.26 11.43
CA HIS A 130 -6.13 29.02 11.08
C HIS A 130 -5.47 28.01 12.01
N ARG A 131 -6.17 27.63 13.10
CA ARG A 131 -5.71 26.56 13.98
C ARG A 131 -5.77 25.20 13.31
N ASP A 132 -6.60 25.03 12.27
CA ASP A 132 -6.71 23.76 11.55
C ASP A 132 -5.67 23.60 10.44
N LEU A 133 -4.80 24.57 10.25
CA LEU A 133 -3.75 24.52 9.24
C LEU A 133 -2.38 24.44 9.89
N PRO A 134 -1.42 23.76 9.26
CA PRO A 134 -1.56 23.13 7.95
C PRO A 134 -2.22 21.74 8.01
N ILE A 135 -2.79 21.31 6.89
CA ILE A 135 -3.18 19.93 6.66
C ILE A 135 -2.18 19.37 5.65
N LYS A 136 -1.55 18.24 5.98
CA LYS A 136 -0.55 17.62 5.13
C LYS A 136 -0.89 16.15 5.03
N LEU A 137 -1.41 15.73 3.88
CA LEU A 137 -1.82 14.35 3.73
C LEU A 137 -1.18 13.74 2.50
N ASN A 138 -0.89 12.44 2.61
CA ASN A 138 -0.31 11.71 1.51
C ASN A 138 -1.04 10.38 1.36
N GLN A 139 -1.20 9.93 0.13
CA GLN A 139 -1.63 8.54 -0.03
C GLN A 139 -0.82 7.81 -1.09
N TRP A 140 -0.54 6.52 -0.80
CA TRP A 140 0.02 5.58 -1.75
C TRP A 140 -1.16 4.87 -2.41
N CYS A 141 -1.31 5.01 -3.72
CA CYS A 141 -2.52 4.46 -4.31
C CYS A 141 -2.35 4.36 -5.82
N ASN A 142 -3.40 3.86 -6.48
CA ASN A 142 -3.40 3.72 -7.93
C ASN A 142 -4.30 4.78 -8.55
N VAL A 143 -3.89 5.29 -9.72
CA VAL A 143 -4.72 6.21 -10.50
C VAL A 143 -4.76 5.72 -11.94
N VAL A 144 -5.74 6.25 -12.67
CA VAL A 144 -6.04 5.78 -14.01
C VAL A 144 -6.17 6.96 -14.95
N ARG A 145 -5.42 6.93 -16.04
CA ARG A 145 -5.58 7.86 -17.15
C ARG A 145 -5.66 7.04 -18.42
N TRP A 146 -6.85 7.00 -19.02
CA TRP A 146 -7.13 6.05 -20.09
C TRP A 146 -6.90 6.70 -21.44
N GLU A 147 -5.64 6.99 -21.72
CA GLU A 147 -5.27 7.58 -23.00
C GLU A 147 -5.10 6.49 -24.05
N PHE A 148 -5.19 6.89 -25.32
CA PHE A 148 -5.10 5.95 -26.41
C PHE A 148 -3.77 6.02 -27.16
N LYS A 149 -2.84 6.85 -26.71
CA LYS A 149 -1.51 6.85 -27.31
C LYS A 149 -0.70 5.63 -26.86
N HIS A 150 0.44 5.43 -27.50
CA HIS A 150 1.25 4.25 -27.28
C HIS A 150 1.73 4.18 -25.83
N PRO A 151 1.33 3.18 -25.06
CA PRO A 151 1.88 3.04 -23.72
C PRO A 151 3.27 2.43 -23.76
N GLN A 152 3.98 2.54 -22.63
CA GLN A 152 5.25 1.91 -22.45
C GLN A 152 5.32 1.45 -21.00
N PRO A 153 5.73 0.20 -20.74
CA PRO A 153 5.75 -0.30 -19.36
C PRO A 153 6.62 0.60 -18.49
N PHE A 154 6.19 0.77 -17.25
CA PHE A 154 6.76 1.69 -16.26
C PHE A 154 6.66 3.16 -16.66
N LEU A 155 7.04 3.52 -17.90
CA LEU A 155 7.26 4.92 -18.24
C LEU A 155 5.97 5.69 -18.44
N ARG A 156 4.94 5.05 -19.01
CA ARG A 156 3.73 5.77 -19.39
C ARG A 156 2.63 4.70 -19.53
N THR A 157 1.79 4.56 -18.50
CA THR A 157 0.81 3.48 -18.49
C THR A 157 -0.57 4.03 -18.16
N ARG A 158 -1.60 3.20 -18.41
CA ARG A 158 -2.97 3.61 -18.18
C ARG A 158 -3.31 3.57 -16.70
N GLU A 159 -2.94 2.49 -16.03
CA GLU A 159 -3.06 2.42 -14.58
C GLU A 159 -1.67 2.48 -14.01
N PHE A 160 -1.49 3.26 -12.93
CA PHE A 160 -0.18 3.22 -12.29
C PHE A 160 -0.27 3.49 -10.79
N LEU A 161 0.75 2.99 -10.08
CA LEU A 161 0.93 3.29 -8.68
C LEU A 161 1.71 4.59 -8.50
N TRP A 162 1.33 5.36 -7.49
CA TRP A 162 2.08 6.56 -7.17
C TRP A 162 1.88 6.87 -5.69
N GLN A 163 2.43 8.01 -5.30
CA GLN A 163 2.07 8.67 -4.06
C GLN A 163 1.65 10.08 -4.47
N GLU A 164 0.61 10.60 -3.89
CA GLU A 164 0.21 12.00 -4.09
C GLU A 164 0.07 12.65 -2.74
N GLY A 165 0.82 13.73 -2.54
CA GLY A 165 0.77 14.55 -1.33
C GLY A 165 0.06 15.85 -1.61
N HIS A 166 -0.73 16.29 -0.63
CA HIS A 166 -1.64 17.41 -0.75
C HIS A 166 -1.55 18.19 0.54
N SER A 167 -0.99 19.41 0.48
CA SER A 167 -0.79 20.23 1.67
C SER A 167 -1.53 21.56 1.55
N ALA A 168 -2.02 22.04 2.69
CA ALA A 168 -2.71 23.32 2.83
C ALA A 168 -2.17 24.08 4.04
N PHE A 169 -1.79 25.34 3.83
CA PHE A 169 -1.15 26.20 4.83
C PHE A 169 -1.87 27.53 4.92
N ALA A 170 -1.57 28.25 6.03
CA ALA A 170 -2.13 29.58 6.24
C ALA A 170 -1.41 30.64 5.43
N THR A 171 -0.12 30.43 5.14
CA THR A 171 0.68 31.46 4.50
C THR A 171 1.30 30.90 3.23
N MET A 172 1.83 31.81 2.41
CA MET A 172 2.44 31.39 1.16
C MET A 172 3.84 30.81 1.37
N GLU A 173 4.60 31.32 2.35
CA GLU A 173 6.01 30.96 2.36
C GLU A 173 6.24 29.58 2.98
N GLU A 174 5.41 29.13 3.92
CA GLU A 174 5.56 27.74 4.33
C GLU A 174 5.19 26.76 3.21
N ALA A 175 4.22 27.12 2.36
CA ALA A 175 3.92 26.32 1.18
C ALA A 175 5.12 26.28 0.23
N ALA A 176 5.71 27.43 -0.07
CA ALA A 176 6.88 27.46 -0.96
C ALA A 176 8.02 26.62 -0.40
N GLU A 177 8.24 26.73 0.91
CA GLU A 177 9.25 25.90 1.55
C GLU A 177 8.96 24.42 1.32
N GLU A 178 7.72 23.98 1.56
CA GLU A 178 7.43 22.57 1.32
C GLU A 178 7.66 22.19 -0.14
N VAL A 179 7.29 23.06 -1.07
CA VAL A 179 7.44 22.72 -2.49
C VAL A 179 8.87 22.30 -2.76
N LEU A 180 9.81 23.12 -2.28
CA LEU A 180 11.22 22.84 -2.55
C LEU A 180 11.71 21.63 -1.76
N GLN A 181 11.24 21.46 -0.53
CA GLN A 181 11.60 20.27 0.24
C GLN A 181 11.19 18.99 -0.48
N ILE A 182 9.96 18.96 -1.00
CA ILE A 182 9.49 17.72 -1.60
C ILE A 182 10.23 17.45 -2.90
N LEU A 183 10.48 18.50 -3.68
CA LEU A 183 11.30 18.35 -4.88
C LEU A 183 12.69 17.82 -4.55
N ASP A 184 13.28 18.28 -3.44
CA ASP A 184 14.60 17.77 -3.08
C ASP A 184 14.55 16.31 -2.67
N LEU A 185 13.42 15.86 -2.06
CA LEU A 185 13.27 14.45 -1.73
C LEU A 185 13.16 13.61 -3.00
N TYR A 186 12.46 14.12 -4.01
CA TYR A 186 12.41 13.40 -5.29
C TYR A 186 13.78 13.32 -5.93
N ALA A 187 14.53 14.43 -5.92
CA ALA A 187 15.91 14.40 -6.43
C ALA A 187 16.74 13.40 -5.65
N GLN A 188 16.47 13.26 -4.35
CA GLN A 188 17.18 12.24 -3.56
C GLN A 188 16.80 10.83 -4.00
N VAL A 189 15.51 10.59 -4.25
CA VAL A 189 15.07 9.28 -4.73
C VAL A 189 15.84 8.90 -5.97
N TYR A 190 15.93 9.83 -6.92
CA TYR A 190 16.59 9.51 -8.19
C TYR A 190 18.10 9.38 -8.02
N GLU A 191 18.72 10.37 -7.37
CA GLU A 191 20.17 10.46 -7.36
C GLU A 191 20.79 9.55 -6.31
N GLU A 192 20.17 9.44 -5.14
CA GLU A 192 20.78 8.65 -4.07
C GLU A 192 20.31 7.21 -4.05
N LEU A 193 19.06 6.93 -4.42
CA LEU A 193 18.60 5.55 -4.42
C LEU A 193 18.89 4.88 -5.78
N LEU A 194 18.49 5.52 -6.89
CA LEU A 194 18.53 4.94 -8.22
C LEU A 194 19.78 5.31 -9.01
N ALA A 195 20.63 6.19 -8.46
CA ALA A 195 21.88 6.63 -9.11
C ALA A 195 21.61 7.30 -10.46
N ILE A 196 20.49 8.01 -10.56
CA ILE A 196 20.09 8.72 -11.76
C ILE A 196 20.25 10.22 -11.49
N PRO A 197 21.07 10.93 -12.27
CA PRO A 197 21.14 12.39 -12.09
C PRO A 197 19.94 13.05 -12.75
N VAL A 198 19.44 14.11 -12.10
CA VAL A 198 18.27 14.84 -12.56
C VAL A 198 18.60 16.32 -12.52
N VAL A 199 17.90 17.09 -13.34
CA VAL A 199 17.98 18.55 -13.31
C VAL A 199 16.69 19.12 -12.73
N LYS A 200 16.81 19.86 -11.62
CA LYS A 200 15.66 20.52 -11.00
C LYS A 200 15.32 21.76 -11.78
N GLY A 201 14.03 22.07 -11.86
CA GLY A 201 13.65 23.36 -12.38
C GLY A 201 12.15 23.60 -12.25
N ARG A 202 11.65 24.56 -13.01
CA ARG A 202 10.21 24.82 -13.01
C ARG A 202 9.67 24.82 -14.44
N LYS A 203 8.42 24.38 -14.59
CA LYS A 203 7.81 24.29 -15.91
C LYS A 203 7.54 25.69 -16.46
N THR A 204 7.51 25.78 -17.80
CA THR A 204 7.12 27.02 -18.46
C THR A 204 5.61 27.25 -18.32
N GLU A 205 5.16 28.43 -18.72
CA GLU A 205 3.73 28.73 -18.71
C GLU A 205 2.95 27.66 -19.47
N LYS A 206 3.46 27.23 -20.62
CA LYS A 206 2.74 26.27 -21.43
C LYS A 206 2.61 24.93 -20.72
N GLU A 207 3.68 24.46 -20.08
CA GLU A 207 3.78 23.09 -19.60
C GLU A 207 3.47 22.96 -18.14
N LYS A 208 3.25 24.08 -17.44
CA LYS A 208 2.97 23.99 -16.03
C LYS A 208 1.55 23.48 -15.78
N PHE A 209 1.32 22.96 -14.59
CA PHE A 209 -0.02 22.54 -14.22
C PHE A 209 -0.95 23.74 -14.28
N ALA A 210 -1.98 23.65 -15.11
CA ALA A 210 -2.91 24.77 -15.29
C ALA A 210 -3.67 25.10 -14.01
N GLY A 211 -3.82 24.14 -13.09
CA GLY A 211 -4.46 24.38 -11.83
C GLY A 211 -3.59 24.96 -10.73
N GLY A 212 -2.32 25.25 -10.99
CA GLY A 212 -1.42 25.79 -9.99
C GLY A 212 -0.83 27.13 -10.43
N ASP A 213 0.05 27.65 -9.57
CA ASP A 213 0.78 28.87 -9.88
C ASP A 213 2.10 28.55 -10.58
N TYR A 214 2.89 27.65 -9.99
CA TYR A 214 4.12 27.20 -10.62
C TYR A 214 4.31 25.72 -10.33
N THR A 215 4.97 25.06 -11.26
CA THR A 215 5.24 23.62 -11.17
C THR A 215 6.75 23.44 -11.19
N THR A 216 7.29 22.88 -10.13
CA THR A 216 8.68 22.46 -10.11
C THR A 216 8.76 21.00 -10.49
N THR A 217 9.92 20.58 -11.01
CA THR A 217 10.04 19.29 -11.65
C THR A 217 11.50 18.85 -11.61
N ILE A 218 11.70 17.54 -11.68
CA ILE A 218 13.03 16.96 -11.90
C ILE A 218 12.99 16.23 -13.23
N GLU A 219 13.93 16.55 -14.11
CA GLU A 219 13.99 15.95 -15.44
C GLU A 219 15.21 15.05 -15.56
N ALA A 220 15.01 13.83 -16.09
CA ALA A 220 16.10 12.90 -16.31
C ALA A 220 16.27 12.65 -17.80
N PHE A 221 17.47 12.22 -18.17
CA PHE A 221 17.81 12.03 -19.58
C PHE A 221 18.12 10.56 -19.91
N ILE A 222 17.48 10.03 -20.95
CA ILE A 222 17.67 8.67 -21.42
C ILE A 222 18.38 8.77 -22.77
N SER A 223 19.69 8.49 -22.79
CA SER A 223 20.48 8.76 -23.99
C SER A 223 20.29 7.71 -25.06
N ALA A 224 19.98 6.46 -24.69
CA ALA A 224 19.73 5.45 -25.72
C ALA A 224 18.62 5.91 -26.66
N SER A 225 17.69 6.71 -26.16
CA SER A 225 16.63 7.33 -26.95
C SER A 225 16.95 8.78 -27.30
N GLY A 226 17.98 9.36 -26.70
CA GLY A 226 18.17 10.79 -26.80
C GLY A 226 17.01 11.61 -26.28
N ARG A 227 16.22 11.09 -25.33
CA ARG A 227 14.99 11.74 -24.89
C ARG A 227 15.00 12.02 -23.40
N ALA A 228 14.31 13.08 -22.98
CA ALA A 228 14.16 13.36 -21.56
C ALA A 228 12.82 12.84 -21.05
N ILE A 229 12.70 12.76 -19.73
CA ILE A 229 11.47 12.30 -19.11
C ILE A 229 11.36 12.90 -17.71
N GLN A 230 10.17 13.35 -17.36
CA GLN A 230 9.93 13.88 -16.02
C GLN A 230 9.98 12.77 -14.98
N GLY A 231 10.75 12.96 -13.91
CA GLY A 231 10.86 11.99 -12.84
C GLY A 231 9.85 12.16 -11.72
N GLY A 232 9.43 13.41 -11.49
CA GLY A 232 8.53 13.72 -10.38
C GLY A 232 8.17 15.19 -10.48
N THR A 233 7.21 15.61 -9.65
CA THR A 233 6.76 16.98 -9.76
C THR A 233 6.18 17.47 -8.43
N SER A 234 6.37 18.76 -8.16
CA SER A 234 5.88 19.35 -6.93
C SER A 234 5.32 20.72 -7.29
N HIS A 235 4.01 20.89 -7.14
CA HIS A 235 3.29 22.07 -7.57
C HIS A 235 3.02 23.02 -6.40
N HIS A 236 3.18 24.32 -6.63
CA HIS A 236 2.56 25.30 -5.75
C HIS A 236 1.21 25.63 -6.35
N LEU A 237 0.13 25.18 -5.70
CA LEU A 237 -1.20 25.47 -6.21
C LEU A 237 -1.66 26.87 -5.86
N GLY A 238 -1.04 27.48 -4.85
CA GLY A 238 -1.47 28.82 -4.47
C GLY A 238 -2.86 28.76 -3.87
N GLN A 239 -3.71 29.72 -4.22
CA GLN A 239 -5.09 29.74 -3.77
C GLN A 239 -6.07 29.31 -4.86
N ASN A 240 -5.58 28.69 -5.94
CA ASN A 240 -6.47 28.31 -7.04
C ASN A 240 -7.53 27.31 -6.57
N PHE A 241 -7.10 26.22 -5.95
CA PHE A 241 -8.05 25.23 -5.52
C PHE A 241 -8.83 25.65 -4.28
N SER A 242 -8.21 26.42 -3.37
CA SER A 242 -8.94 26.82 -2.18
C SER A 242 -10.08 27.77 -2.51
N LYS A 243 -9.91 28.60 -3.54
CA LYS A 243 -11.03 29.39 -4.01
C LYS A 243 -12.03 28.53 -4.75
N MET A 244 -11.54 27.48 -5.43
CA MET A 244 -12.46 26.56 -6.11
C MET A 244 -13.37 25.84 -5.12
N PHE A 245 -12.82 25.33 -4.02
CA PHE A 245 -13.55 24.51 -3.08
C PHE A 245 -13.83 25.21 -1.77
N GLU A 246 -13.56 26.52 -1.69
CA GLU A 246 -13.88 27.29 -0.50
C GLU A 246 -13.20 26.71 0.73
N ILE A 247 -11.88 26.52 0.64
CA ILE A 247 -11.06 26.18 1.79
C ILE A 247 -10.64 27.50 2.43
N VAL A 248 -11.35 27.90 3.48
CA VAL A 248 -11.20 29.24 4.03
C VAL A 248 -11.02 29.18 5.55
N PHE A 249 -10.37 30.20 6.11
CA PHE A 249 -10.30 30.36 7.55
C PHE A 249 -10.48 31.83 7.89
N GLU A 250 -10.91 32.11 9.12
CA GLU A 250 -11.13 33.49 9.50
C GLU A 250 -9.80 34.19 9.79
N ASP A 251 -9.73 35.45 9.41
CA ASP A 251 -8.54 36.26 9.62
C ASP A 251 -8.27 36.45 11.11
N PRO A 252 -7.07 36.09 11.60
CA PRO A 252 -6.79 36.21 13.05
C PRO A 252 -6.72 37.63 13.54
N LYS A 253 -6.66 38.60 12.64
CA LYS A 253 -6.49 40.01 12.96
C LYS A 253 -7.72 40.85 12.73
N ILE A 254 -8.45 40.60 11.65
CA ILE A 254 -9.54 41.46 11.20
C ILE A 254 -10.86 40.69 11.37
N PRO A 255 -11.81 41.21 12.14
CA PRO A 255 -13.06 40.48 12.37
C PRO A 255 -13.83 40.23 11.07
N GLY A 256 -14.39 39.02 10.95
CA GLY A 256 -15.34 38.75 9.89
C GLY A 256 -14.78 38.59 8.50
N GLU A 257 -13.47 38.57 8.33
CA GLU A 257 -12.88 38.41 6.99
C GLU A 257 -12.19 37.05 6.88
N LYS A 258 -12.23 36.50 5.67
CA LYS A 258 -11.79 35.15 5.41
C LYS A 258 -10.58 35.18 4.50
N GLN A 259 -9.68 34.22 4.71
CA GLN A 259 -8.53 34.00 3.85
C GLN A 259 -8.60 32.61 3.24
N PHE A 260 -8.21 32.52 1.98
CA PHE A 260 -8.11 31.25 1.29
C PHE A 260 -6.78 30.57 1.60
N ALA A 261 -6.82 29.26 1.87
CA ALA A 261 -5.59 28.54 2.19
C ALA A 261 -4.66 28.55 0.98
N TYR A 262 -3.36 28.43 1.25
CA TYR A 262 -2.39 28.20 0.18
C TYR A 262 -2.09 26.70 0.11
N GLN A 263 -2.04 26.15 -1.10
CA GLN A 263 -1.93 24.70 -1.26
C GLN A 263 -0.79 24.31 -2.20
N ASN A 264 -0.22 23.13 -1.91
CA ASN A 264 0.67 22.37 -2.78
C ASN A 264 0.09 20.99 -3.06
N SER A 265 0.54 20.39 -4.16
CA SER A 265 0.43 18.95 -4.28
C SER A 265 1.65 18.45 -5.04
N TRP A 266 1.97 17.16 -4.86
CA TRP A 266 3.21 16.61 -5.40
C TRP A 266 3.05 15.12 -5.57
N GLY A 267 3.72 14.56 -6.58
CA GLY A 267 3.52 13.15 -6.85
C GLY A 267 4.74 12.47 -7.42
N LEU A 268 4.79 11.15 -7.20
CA LEU A 268 5.89 10.34 -7.73
C LEU A 268 5.37 8.93 -8.03
N THR A 269 5.80 8.33 -9.16
CA THR A 269 5.23 7.03 -9.60
C THR A 269 6.31 5.96 -9.79
N THR A 270 5.85 4.75 -10.16
CA THR A 270 6.71 3.62 -10.55
C THR A 270 7.47 3.87 -11.85
N ARG A 271 7.21 5.00 -12.53
CA ARG A 271 8.07 5.40 -13.64
C ARG A 271 9.55 5.35 -13.25
N THR A 272 9.85 5.61 -11.98
CA THR A 272 11.18 5.48 -11.39
C THR A 272 11.90 4.23 -11.90
N ILE A 273 11.22 3.09 -11.77
CA ILE A 273 11.81 1.81 -12.13
C ILE A 273 12.15 1.78 -13.61
N GLY A 274 11.24 2.25 -14.46
CA GLY A 274 11.56 2.34 -15.87
C GLY A 274 12.79 3.20 -16.12
N VAL A 275 12.88 4.35 -15.45
CA VAL A 275 14.03 5.19 -15.70
C VAL A 275 15.30 4.47 -15.24
N MET A 276 15.21 3.77 -14.11
CA MET A 276 16.38 3.06 -13.60
C MET A 276 16.79 1.99 -14.60
N THR A 277 15.80 1.39 -15.27
CA THR A 277 16.10 0.39 -16.27
C THR A 277 16.72 1.02 -17.48
N MET A 278 16.18 2.16 -17.93
CA MET A 278 16.65 2.75 -19.18
C MET A 278 18.04 3.33 -19.05
N VAL A 279 18.38 3.85 -17.86
CA VAL A 279 19.65 4.53 -17.66
C VAL A 279 20.77 3.51 -17.44
N HIS A 280 20.58 2.62 -16.49
CA HIS A 280 21.66 1.74 -16.08
C HIS A 280 21.70 0.41 -16.82
N GLY A 281 20.59 0.00 -17.44
CA GLY A 281 20.57 -1.31 -18.08
C GLY A 281 21.58 -1.42 -19.21
N ASP A 282 22.11 -2.63 -19.40
CA ASP A 282 23.05 -2.85 -20.49
C ASP A 282 22.64 -4.08 -21.30
N ASN A 283 23.52 -4.55 -22.17
CA ASN A 283 23.19 -5.66 -23.06
C ASN A 283 23.24 -7.03 -22.41
N MET A 284 23.59 -7.12 -21.12
CA MET A 284 23.34 -8.33 -20.33
C MET A 284 22.08 -8.24 -19.49
N GLY A 285 21.44 -7.08 -19.39
CA GLY A 285 20.16 -7.04 -18.73
C GLY A 285 20.01 -5.88 -17.78
N LEU A 286 19.20 -6.10 -16.74
CA LEU A 286 19.04 -5.12 -15.67
C LEU A 286 20.35 -4.91 -14.91
N VAL A 287 20.50 -3.71 -14.35
CA VAL A 287 21.61 -3.35 -13.47
C VAL A 287 20.97 -2.62 -12.28
N LEU A 288 21.03 -3.23 -11.10
CA LEU A 288 20.34 -2.69 -9.94
C LEU A 288 21.30 -1.85 -9.11
N PRO A 289 20.98 -0.58 -8.84
CA PRO A 289 21.74 0.18 -7.83
C PRO A 289 21.66 -0.53 -6.49
N PRO A 290 22.78 -0.78 -5.82
CA PRO A 290 22.72 -1.54 -4.57
C PRO A 290 21.72 -1.00 -3.55
N ARG A 291 21.49 0.32 -3.54
CA ARG A 291 20.59 0.90 -2.53
C ARG A 291 19.14 0.42 -2.67
N VAL A 292 18.72 -0.02 -3.86
CA VAL A 292 17.35 -0.52 -4.05
C VAL A 292 17.31 -2.00 -4.42
N ALA A 293 18.46 -2.65 -4.58
CA ALA A 293 18.47 -4.06 -4.97
C ALA A 293 17.82 -4.93 -3.91
N CYS A 294 16.70 -5.56 -4.27
CA CYS A 294 16.07 -6.59 -3.44
C CYS A 294 17.07 -7.63 -2.95
N VAL A 295 17.98 -8.05 -3.83
CA VAL A 295 19.11 -8.92 -3.49
C VAL A 295 20.37 -8.16 -3.89
N GLN A 296 21.23 -7.86 -2.92
CA GLN A 296 22.49 -7.18 -3.22
C GLN A 296 23.60 -8.15 -3.60
N VAL A 297 23.62 -9.34 -3.01
CA VAL A 297 24.68 -10.31 -3.22
C VAL A 297 24.03 -11.67 -3.39
N VAL A 298 24.37 -12.39 -4.47
CA VAL A 298 23.89 -13.74 -4.69
C VAL A 298 25.08 -14.69 -4.60
N ILE A 299 24.93 -15.71 -3.76
CA ILE A 299 25.98 -16.69 -3.52
C ILE A 299 25.69 -17.90 -4.39
N ILE A 300 26.67 -18.29 -5.19
CA ILE A 300 26.48 -19.43 -6.09
C ILE A 300 27.59 -20.44 -5.89
N PRO A 301 27.27 -21.71 -5.62
CA PRO A 301 28.30 -22.75 -5.53
C PRO A 301 28.81 -23.15 -6.92
N CYS A 302 30.12 -23.25 -7.05
CA CYS A 302 30.75 -23.81 -8.26
C CYS A 302 31.21 -25.26 -8.03
N SER A 309 34.23 -34.95 -4.55
CA SER A 309 33.97 -35.65 -3.29
C SER A 309 32.61 -35.23 -2.75
N GLU A 310 31.72 -36.20 -2.52
CA GLU A 310 30.39 -35.85 -2.06
C GLU A 310 30.41 -35.24 -0.67
N GLU A 311 31.39 -35.66 0.11
CA GLU A 311 31.58 -35.06 1.39
C GLU A 311 31.91 -33.61 1.09
N ASP A 312 32.72 -33.40 0.08
CA ASP A 312 33.07 -32.09 -0.33
C ASP A 312 31.84 -31.30 -0.79
N LYS A 313 30.92 -31.93 -1.49
CA LYS A 313 29.76 -31.20 -1.97
C LYS A 313 28.97 -30.67 -0.84
N GLU A 314 28.74 -31.51 0.16
CA GLU A 314 27.98 -31.12 1.34
C GLU A 314 28.65 -29.99 2.08
N ALA A 315 29.97 -30.03 2.16
CA ALA A 315 30.74 -29.00 2.75
C ALA A 315 30.62 -27.73 1.99
N LEU A 316 30.61 -27.82 0.68
CA LEU A 316 30.56 -26.60 -0.10
C LEU A 316 29.27 -25.87 0.17
N ILE A 317 28.18 -26.59 0.19
CA ILE A 317 26.90 -26.02 0.48
C ILE A 317 26.88 -25.42 1.85
N ALA A 318 27.46 -26.08 2.83
CA ALA A 318 27.57 -25.55 4.15
C ALA A 318 28.45 -24.31 4.15
N LYS A 319 29.49 -24.23 3.35
CA LYS A 319 30.28 -23.00 3.31
C LYS A 319 29.44 -21.85 2.75
N CYS A 320 28.60 -22.13 1.78
CA CYS A 320 27.77 -21.09 1.25
C CYS A 320 26.84 -20.58 2.34
N ASN A 321 26.18 -21.48 3.06
CA ASN A 321 25.26 -21.10 4.12
C ASN A 321 26.00 -20.29 5.14
N ASP A 322 27.24 -20.64 5.43
CA ASP A 322 28.05 -19.83 6.32
C ASP A 322 28.13 -18.38 5.83
N TYR A 323 28.54 -18.20 4.57
CA TYR A 323 28.59 -16.85 3.99
C TYR A 323 27.24 -16.15 4.09
N ARG A 324 26.15 -16.87 3.79
CA ARG A 324 24.81 -16.32 3.80
C ARG A 324 24.44 -15.79 5.18
N ARG A 325 24.63 -16.60 6.21
CA ARG A 325 24.31 -16.16 7.57
C ARG A 325 25.18 -14.98 7.98
N ARG A 326 26.43 -14.97 7.60
CA ARG A 326 27.27 -13.87 7.95
C ARG A 326 26.78 -12.62 7.35
N LEU A 327 26.48 -12.66 6.08
CA LEU A 327 26.03 -11.50 5.35
C LEU A 327 24.69 -10.98 5.85
N LEU A 328 23.80 -11.89 6.21
CA LEU A 328 22.54 -11.53 6.78
C LEU A 328 22.80 -10.80 8.07
N SER A 329 23.76 -11.27 8.87
CA SER A 329 24.16 -10.60 10.08
C SER A 329 24.78 -9.21 9.85
N VAL A 330 25.30 -8.86 8.68
CA VAL A 330 25.84 -7.53 8.48
C VAL A 330 24.88 -6.63 7.70
N ASN A 331 23.62 -7.02 7.71
CA ASN A 331 22.55 -6.29 7.05
C ASN A 331 22.72 -6.06 5.56
N ILE A 332 23.30 -7.03 4.90
CA ILE A 332 23.41 -7.07 3.46
C ILE A 332 22.33 -8.02 2.95
N ARG A 333 21.53 -7.55 2.00
CA ARG A 333 20.52 -8.42 1.42
C ARG A 333 21.23 -9.44 0.53
N VAL A 334 20.98 -10.72 0.81
CA VAL A 334 21.78 -11.81 0.27
C VAL A 334 20.87 -13.00 -0.02
N ARG A 335 21.15 -13.70 -1.11
CA ARG A 335 20.53 -14.99 -1.37
C ARG A 335 21.60 -16.00 -1.74
N ALA A 336 21.50 -17.18 -1.15
CA ALA A 336 22.27 -18.35 -1.57
C ALA A 336 21.40 -19.15 -2.52
N ASP A 337 21.81 -19.25 -3.77
CA ASP A 337 21.08 -20.03 -4.77
C ASP A 337 21.67 -21.43 -4.79
N LEU A 338 21.07 -22.30 -4.02
CA LEU A 338 21.55 -23.65 -3.90
C LEU A 338 20.68 -24.63 -4.54
N ARG A 339 19.96 -24.23 -5.54
CA ARG A 339 19.09 -25.18 -6.17
C ARG A 339 19.87 -26.20 -6.93
N ASP A 340 19.52 -27.43 -6.70
CA ASP A 340 20.12 -28.56 -7.35
C ASP A 340 19.77 -28.61 -8.81
N ASN A 341 18.55 -28.21 -9.10
CA ASN A 341 17.99 -28.26 -10.44
C ASN A 341 18.63 -27.40 -11.54
N TYR A 342 19.41 -26.39 -11.16
CA TYR A 342 20.07 -25.52 -12.12
C TYR A 342 21.58 -25.45 -12.08
N SER A 343 22.21 -25.30 -13.22
CA SER A 343 23.65 -25.20 -13.32
C SER A 343 24.20 -23.89 -12.82
N PRO A 344 25.45 -23.87 -12.44
CA PRO A 344 26.02 -22.63 -11.98
C PRO A 344 26.05 -21.61 -13.09
N GLY A 345 26.40 -21.98 -14.29
CA GLY A 345 26.33 -20.99 -15.37
C GLY A 345 24.93 -20.47 -15.61
N TRP A 346 23.94 -21.36 -15.53
CA TRP A 346 22.55 -20.90 -15.59
C TRP A 346 22.28 -19.87 -14.51
N LYS A 347 22.74 -20.11 -13.28
CA LYS A 347 22.46 -19.17 -12.20
C LYS A 347 23.19 -17.85 -12.43
N PHE A 348 24.46 -17.92 -12.87
CA PHE A 348 25.21 -16.73 -13.29
C PHE A 348 24.34 -15.83 -14.16
N ASN A 349 23.88 -16.39 -15.28
CA ASN A 349 23.13 -15.59 -16.24
C ASN A 349 21.79 -15.15 -15.67
N HIS A 350 21.11 -16.02 -14.91
CA HIS A 350 19.81 -15.65 -14.33
C HIS A 350 19.93 -14.41 -13.45
N TRP A 351 20.89 -14.40 -12.52
CA TRP A 351 21.01 -13.26 -11.62
C TRP A 351 21.67 -12.04 -12.27
N GLU A 352 22.50 -12.25 -13.32
CA GLU A 352 22.97 -11.11 -14.11
C GLU A 352 21.81 -10.41 -14.81
N LEU A 353 20.96 -11.19 -15.50
CA LEU A 353 19.76 -10.63 -16.13
C LEU A 353 18.95 -9.81 -15.15
N LYS A 354 18.86 -10.27 -13.92
CA LYS A 354 18.08 -9.55 -12.91
C LYS A 354 18.87 -8.40 -12.32
N GLY A 355 20.15 -8.29 -12.61
CA GLY A 355 20.89 -7.13 -12.17
C GLY A 355 21.38 -7.14 -10.74
N VAL A 356 21.54 -8.32 -10.14
CA VAL A 356 22.09 -8.43 -8.78
C VAL A 356 23.48 -7.80 -8.76
N PRO A 357 23.73 -6.79 -7.92
CA PRO A 357 25.01 -6.07 -8.01
C PRO A 357 26.25 -6.93 -7.87
N ILE A 358 26.24 -7.96 -7.02
CA ILE A 358 27.44 -8.78 -6.78
C ILE A 358 27.07 -10.25 -6.85
N ARG A 359 27.83 -11.01 -7.64
CA ARG A 359 27.75 -12.47 -7.60
C ARG A 359 28.92 -12.98 -6.77
N LEU A 360 28.61 -13.81 -5.77
CA LEU A 360 29.62 -14.41 -4.90
C LEU A 360 29.78 -15.87 -5.32
N GLU A 361 30.93 -16.20 -5.93
CA GLU A 361 31.20 -17.56 -6.38
C GLU A 361 32.09 -18.28 -5.38
N VAL A 362 31.62 -19.45 -4.96
CA VAL A 362 32.25 -20.33 -3.98
C VAL A 362 32.58 -21.63 -4.72
N GLY A 363 33.85 -21.84 -5.03
CA GLY A 363 34.30 -23.09 -5.60
C GLY A 363 35.10 -23.93 -4.61
N PRO A 364 35.22 -25.23 -4.84
CA PRO A 364 35.95 -26.07 -3.89
C PRO A 364 37.37 -25.68 -3.65
N ARG A 365 38.10 -25.25 -4.65
CA ARG A 365 39.46 -24.87 -4.43
C ARG A 365 39.48 -23.70 -3.52
N ASP A 366 38.67 -22.73 -3.83
CA ASP A 366 38.66 -21.56 -3.04
C ASP A 366 38.16 -21.85 -1.64
N MET A 367 37.31 -22.84 -1.51
CA MET A 367 36.83 -23.19 -0.20
C MET A 367 37.99 -23.72 0.57
N LYS A 368 38.74 -24.59 -0.08
CA LYS A 368 39.93 -25.19 0.43
C LYS A 368 40.95 -24.10 0.68
N SER A 369 41.02 -23.09 -0.18
CA SER A 369 41.94 -22.02 0.03
C SER A 369 41.35 -20.98 0.97
N CYS A 370 40.16 -21.26 1.50
CA CYS A 370 39.49 -20.36 2.41
C CYS A 370 39.38 -18.93 1.85
N GLN A 371 39.15 -18.80 0.54
CA GLN A 371 39.03 -17.52 -0.14
C GLN A 371 37.82 -17.57 -1.08
N PHE A 372 37.50 -16.48 -1.76
CA PHE A 372 36.35 -16.49 -2.65
C PHE A 372 36.44 -15.46 -3.73
N VAL A 373 35.53 -15.55 -4.68
CA VAL A 373 35.47 -14.67 -5.83
C VAL A 373 34.20 -13.85 -5.88
N ALA A 374 34.37 -12.56 -6.14
CA ALA A 374 33.29 -11.66 -6.23
C ALA A 374 33.26 -10.99 -7.56
N VAL A 375 32.14 -11.06 -8.26
CA VAL A 375 32.04 -10.38 -9.54
C VAL A 375 31.01 -9.30 -9.54
N ARG A 376 31.36 -8.09 -9.90
CA ARG A 376 30.41 -7.03 -9.91
C ARG A 376 29.66 -6.93 -11.17
N ARG A 377 28.38 -6.71 -11.06
CA ARG A 377 27.55 -6.56 -12.22
C ARG A 377 27.84 -5.35 -13.08
N ASP A 378 28.16 -4.22 -12.50
CA ASP A 378 28.36 -3.06 -13.31
C ASP A 378 29.51 -3.11 -14.28
N THR A 379 30.64 -3.64 -13.87
CA THR A 379 31.76 -3.66 -14.75
C THR A 379 32.21 -5.01 -15.13
N GLY A 380 31.81 -6.01 -14.39
CA GLY A 380 32.21 -7.35 -14.67
C GLY A 380 33.54 -7.73 -14.05
N GLU A 381 34.16 -6.77 -13.43
CA GLU A 381 35.42 -6.91 -12.78
C GLU A 381 35.37 -8.04 -11.83
N LYS A 382 36.11 -9.10 -12.05
CA LYS A 382 36.16 -10.18 -11.09
C LYS A 382 37.18 -9.85 -10.02
N LEU A 383 37.14 -10.54 -8.89
CA LEU A 383 38.04 -10.29 -7.79
C LEU A 383 38.07 -11.33 -6.73
N THR A 384 39.24 -11.88 -6.40
CA THR A 384 39.38 -12.89 -5.36
C THR A 384 39.54 -12.22 -4.01
N VAL A 385 39.03 -12.86 -2.97
CA VAL A 385 39.08 -12.28 -1.64
C VAL A 385 39.12 -13.37 -0.59
N ALA A 386 39.57 -13.00 0.62
CA ALA A 386 39.72 -13.92 1.73
C ALA A 386 38.45 -14.27 2.46
N GLU A 387 38.35 -15.49 2.98
CA GLU A 387 37.14 -15.90 3.67
C GLU A 387 36.82 -15.05 4.86
N GLU A 391 32.67 -9.87 4.10
CA GLU A 391 31.96 -9.06 5.06
C GLU A 391 32.31 -7.64 4.83
N THR A 392 33.51 -7.29 5.16
CA THR A 392 33.96 -5.97 4.91
C THR A 392 34.11 -5.63 3.47
N LYS A 393 34.65 -6.54 2.69
CA LYS A 393 34.91 -6.24 1.30
C LYS A 393 33.68 -6.05 0.47
N LEU A 394 32.74 -6.93 0.69
CA LEU A 394 31.52 -6.92 -0.06
C LEU A 394 30.79 -5.62 0.15
N GLN A 395 30.71 -5.13 1.37
CA GLN A 395 30.08 -3.85 1.60
C GLN A 395 30.82 -2.76 0.90
N ALA A 396 32.12 -2.80 0.90
CA ALA A 396 32.88 -1.81 0.21
C ALA A 396 32.60 -1.84 -1.26
N ILE A 397 32.44 -3.02 -1.86
CA ILE A 397 32.13 -3.08 -3.28
C ILE A 397 30.76 -2.48 -3.62
N LEU A 398 29.79 -2.75 -2.80
CA LEU A 398 28.46 -2.24 -3.00
C LEU A 398 28.43 -0.77 -3.15
N GLU A 399 29.01 -0.04 -2.23
CA GLU A 399 29.04 1.41 -2.31
C GLU A 399 29.70 1.89 -3.59
N ASP A 400 30.87 1.32 -3.92
CA ASP A 400 31.54 1.74 -5.16
C ASP A 400 30.63 1.54 -6.37
N ILE A 401 29.90 0.41 -6.40
CA ILE A 401 28.97 0.18 -7.52
C ILE A 401 27.96 1.34 -7.61
N GLN A 402 27.35 1.70 -6.48
CA GLN A 402 26.44 2.85 -6.47
C GLN A 402 27.14 4.08 -7.03
N VAL A 403 28.31 4.42 -6.48
CA VAL A 403 29.01 5.61 -6.96
C VAL A 403 29.27 5.47 -8.44
N THR A 404 29.78 4.30 -8.85
CA THR A 404 30.09 4.10 -10.26
C THR A 404 28.86 4.41 -11.10
N LEU A 405 27.73 3.78 -10.77
CA LEU A 405 26.54 3.96 -11.59
C LEU A 405 26.23 5.44 -11.71
N PHE A 406 26.20 6.13 -10.56
CA PHE A 406 25.83 7.55 -10.58
C PHE A 406 26.80 8.33 -11.45
N THR A 407 28.10 8.16 -11.22
CA THR A 407 29.04 9.02 -11.91
C THR A 407 28.95 8.78 -13.41
N ARG A 408 28.75 7.53 -13.84
CA ARG A 408 28.66 7.32 -15.28
C ARG A 408 27.43 8.00 -15.83
N ALA A 409 26.30 7.79 -15.17
CA ALA A 409 25.10 8.49 -15.60
C ALA A 409 25.35 9.99 -15.62
N SER A 410 26.06 10.50 -14.61
CA SER A 410 26.33 11.92 -14.58
C SER A 410 27.13 12.35 -15.81
N GLU A 411 28.21 11.62 -16.11
CA GLU A 411 28.99 11.97 -17.30
C GLU A 411 28.10 11.91 -18.54
N ASP A 412 27.23 10.90 -18.63
CA ASP A 412 26.36 10.82 -19.79
C ASP A 412 25.54 12.10 -19.91
N LEU A 413 24.93 12.51 -18.80
CA LEU A 413 24.15 13.75 -18.80
C LEU A 413 25.03 14.93 -19.18
N LYS A 414 26.22 15.02 -18.57
CA LYS A 414 27.12 16.14 -18.87
C LYS A 414 27.43 16.18 -20.35
N THR A 415 27.53 15.01 -20.99
CA THR A 415 27.82 14.97 -22.41
C THR A 415 26.63 15.44 -23.22
N HIS A 416 25.42 15.11 -22.79
CA HIS A 416 24.25 15.26 -23.65
C HIS A 416 23.39 16.46 -23.33
N MET A 417 23.84 17.33 -22.41
CA MET A 417 23.13 18.55 -22.07
C MET A 417 24.08 19.71 -22.26
N VAL A 418 23.88 20.47 -23.34
CA VAL A 418 24.80 21.52 -23.75
C VAL A 418 24.02 22.80 -23.99
N VAL A 419 24.77 23.90 -24.04
CA VAL A 419 24.25 25.24 -24.29
C VAL A 419 24.24 25.49 -25.79
N ALA A 420 23.17 26.08 -26.27
CA ALA A 420 23.15 26.64 -27.62
C ALA A 420 22.43 27.97 -27.53
N ASN A 421 23.04 28.96 -28.17
CA ASN A 421 22.56 30.31 -28.16
C ASN A 421 21.78 30.74 -29.38
N THR A 422 21.69 29.89 -30.40
CA THR A 422 20.92 30.23 -31.59
C THR A 422 20.18 29.03 -32.05
N MET A 423 19.11 29.21 -32.79
CA MET A 423 18.35 28.07 -33.20
C MET A 423 19.08 27.11 -34.06
N GLU A 424 19.92 27.58 -34.94
CA GLU A 424 20.63 26.68 -35.79
C GLU A 424 21.53 25.80 -34.98
N ASP A 425 22.20 26.37 -34.02
CA ASP A 425 23.04 25.56 -33.19
C ASP A 425 22.13 24.67 -32.36
N PHE A 426 20.98 25.16 -32.00
CA PHE A 426 20.09 24.36 -31.21
C PHE A 426 19.67 23.14 -31.99
N GLN A 427 19.26 23.34 -33.23
CA GLN A 427 18.80 22.25 -34.02
C GLN A 427 19.81 21.20 -34.32
N LYS A 428 21.03 21.58 -34.60
CA LYS A 428 22.01 20.57 -34.91
C LYS A 428 22.23 19.69 -33.72
N ILE A 429 22.38 20.30 -32.57
CA ILE A 429 22.61 19.59 -31.35
C ILE A 429 21.42 18.71 -30.98
N LEU A 430 20.25 19.20 -31.19
CA LEU A 430 19.07 18.42 -30.91
C LEU A 430 19.02 17.21 -31.80
N ASP A 431 19.39 17.34 -33.05
CA ASP A 431 19.37 16.20 -33.90
C ASP A 431 20.47 15.23 -33.65
N SER A 432 21.45 15.61 -32.87
CA SER A 432 22.46 14.65 -32.46
C SER A 432 22.01 13.78 -31.29
N GLY A 433 20.77 13.94 -30.83
CA GLY A 433 20.26 13.20 -29.71
C GLY A 433 20.60 13.78 -28.36
N LYS A 434 20.66 15.09 -28.23
CA LYS A 434 20.99 15.74 -26.96
C LYS A 434 19.88 16.70 -26.58
N ILE A 435 19.96 17.19 -25.34
CA ILE A 435 19.02 18.18 -24.81
C ILE A 435 19.79 19.48 -24.60
N VAL A 436 19.12 20.59 -24.87
CA VAL A 436 19.80 21.88 -25.04
C VAL A 436 19.18 22.91 -24.12
N GLN A 437 20.03 23.66 -23.41
CA GLN A 437 19.59 24.86 -22.71
C GLN A 437 19.73 26.07 -23.63
N ILE A 438 18.61 26.70 -23.96
CA ILE A 438 18.60 27.83 -24.89
C ILE A 438 18.08 29.07 -24.17
N PRO A 439 18.51 30.27 -24.55
CA PRO A 439 17.84 31.48 -24.05
C PRO A 439 16.43 31.55 -24.60
N PHE A 440 15.46 31.76 -23.71
CA PHE A 440 14.06 31.57 -24.07
C PHE A 440 13.24 32.73 -23.50
N CYS A 441 12.33 33.24 -24.34
CA CYS A 441 11.43 34.32 -23.95
C CYS A 441 10.25 33.82 -23.16
N GLY A 442 9.90 32.54 -23.28
CA GLY A 442 8.90 31.95 -22.43
C GLY A 442 7.47 32.17 -22.85
N GLU A 443 7.24 32.77 -24.01
CA GLU A 443 5.88 32.91 -24.49
C GLU A 443 5.39 31.57 -25.02
N ILE A 444 4.08 31.34 -24.89
CA ILE A 444 3.53 30.06 -25.33
C ILE A 444 3.62 29.91 -26.85
N ASP A 445 3.31 30.99 -27.58
CA ASP A 445 3.37 30.95 -29.03
C ASP A 445 4.77 30.61 -29.50
N CYS A 446 5.79 31.24 -28.89
CA CYS A 446 7.15 30.89 -29.26
C CYS A 446 7.45 29.43 -28.94
N GLU A 447 6.93 28.91 -27.84
CA GLU A 447 7.22 27.52 -27.48
C GLU A 447 6.63 26.55 -28.51
N ASP A 448 5.39 26.81 -28.95
CA ASP A 448 4.81 25.99 -30.02
C ASP A 448 5.59 26.14 -31.31
N TRP A 449 6.04 27.36 -31.62
CA TRP A 449 6.87 27.55 -32.80
C TRP A 449 8.15 26.75 -32.70
N ILE A 450 8.78 26.76 -31.54
CA ILE A 450 10.01 25.99 -31.33
C ILE A 450 9.74 24.52 -31.55
N LYS A 451 8.57 24.07 -31.12
CA LYS A 451 8.21 22.66 -31.29
C LYS A 451 8.12 22.31 -32.76
N LYS A 452 7.34 23.08 -33.53
CA LYS A 452 7.11 22.68 -34.92
C LYS A 452 8.31 22.96 -35.82
N THR A 453 9.07 24.04 -35.56
CA THR A 453 10.25 24.31 -36.37
C THR A 453 11.27 23.17 -36.22
N THR A 454 11.49 22.73 -34.98
CA THR A 454 12.44 21.64 -34.77
C THR A 454 11.92 20.29 -35.20
N ALA A 455 10.72 20.21 -35.75
CA ALA A 455 10.25 18.96 -36.35
C ALA A 455 10.60 18.96 -37.84
N MET A 467 9.82 13.64 -33.71
CA MET A 467 8.94 14.66 -33.16
C MET A 467 9.71 15.92 -32.76
N GLY A 468 8.99 17.03 -32.55
CA GLY A 468 9.63 18.27 -32.20
C GLY A 468 10.02 18.35 -30.73
N ALA A 469 10.92 19.28 -30.43
CA ALA A 469 11.40 19.47 -29.07
C ALA A 469 10.37 20.22 -28.24
N LYS A 470 10.16 19.74 -27.02
CA LYS A 470 9.31 20.38 -26.03
C LYS A 470 10.19 21.01 -24.96
N SER A 471 9.61 21.95 -24.21
CA SER A 471 10.28 22.44 -23.02
C SER A 471 10.24 21.37 -21.93
N LEU A 472 11.38 21.22 -21.25
CA LEU A 472 11.50 20.31 -20.13
C LEU A 472 11.35 21.04 -18.80
N CYS A 473 12.26 21.98 -18.51
CA CYS A 473 12.15 22.83 -17.32
C CYS A 473 12.93 24.11 -17.56
N ILE A 474 12.63 25.12 -16.75
CA ILE A 474 13.53 26.26 -16.61
C ILE A 474 14.44 25.94 -15.43
N PRO A 475 15.71 25.59 -15.67
CA PRO A 475 16.52 25.02 -14.59
C PRO A 475 16.75 26.02 -13.47
N PHE A 476 16.81 25.49 -12.25
CA PHE A 476 17.19 26.29 -11.10
C PHE A 476 18.61 26.83 -11.25
N LYS A 477 19.55 25.95 -11.65
CA LYS A 477 20.96 26.30 -11.83
C LYS A 477 21.35 26.04 -13.27
N PRO A 478 21.00 26.94 -14.19
CA PRO A 478 21.40 26.77 -15.59
C PRO A 478 22.92 26.73 -15.73
N LEU A 479 23.38 26.15 -16.84
CA LEU A 479 24.81 25.95 -17.04
C LEU A 479 25.56 27.27 -17.13
N CYS A 480 25.10 28.16 -18.00
CA CYS A 480 25.70 29.48 -18.15
C CYS A 480 24.64 30.54 -17.85
N GLU A 481 25.10 31.68 -17.32
CA GLU A 481 24.20 32.78 -16.99
C GLU A 481 23.86 33.58 -18.24
N LEU A 482 22.68 34.22 -18.20
CA LEU A 482 22.11 34.93 -19.34
C LEU A 482 22.64 36.36 -19.46
N GLY A 485 22.22 41.46 -21.93
CA GLY A 485 21.13 41.54 -22.90
C GLY A 485 21.18 40.46 -23.97
N ALA A 486 20.21 39.55 -23.95
CA ALA A 486 20.11 38.47 -24.93
C ALA A 486 18.65 38.25 -25.32
N LYS A 487 18.43 37.83 -26.56
CA LYS A 487 17.09 37.66 -27.11
C LYS A 487 16.75 36.17 -27.23
N CYS A 488 15.45 35.90 -27.37
CA CYS A 488 15.02 34.52 -27.56
C CYS A 488 15.45 34.01 -28.92
N VAL A 489 15.39 32.69 -29.09
CA VAL A 489 15.65 32.07 -30.38
C VAL A 489 14.55 32.35 -31.38
N CYS A 490 13.44 32.96 -30.95
CA CYS A 490 12.43 33.39 -31.90
C CYS A 490 12.77 34.72 -32.56
N GLY A 491 13.67 35.51 -31.97
CA GLY A 491 14.05 36.79 -32.53
C GLY A 491 13.18 37.95 -32.09
N LYS A 492 11.87 37.73 -32.05
CA LYS A 492 10.92 38.82 -31.86
C LYS A 492 10.93 39.38 -30.43
N ASN A 493 11.37 38.60 -29.45
CA ASN A 493 11.26 38.98 -28.05
C ASN A 493 12.56 38.67 -27.33
N PRO A 494 12.85 39.38 -26.25
CA PRO A 494 14.06 39.09 -25.45
C PRO A 494 13.91 37.83 -24.63
N ALA A 495 15.07 37.26 -24.29
CA ALA A 495 15.13 36.03 -23.52
C ALA A 495 14.88 36.31 -22.04
N LYS A 496 13.92 35.58 -21.47
CA LYS A 496 13.62 35.71 -20.04
C LYS A 496 14.45 34.75 -19.19
N TYR A 497 14.74 33.56 -19.69
CA TYR A 497 15.52 32.58 -18.92
C TYR A 497 16.13 31.50 -19.74
N TYR A 498 17.28 31.04 -19.34
CA TYR A 498 17.78 29.81 -19.93
C TYR A 498 16.76 28.72 -19.66
N THR A 499 16.27 28.08 -20.71
CA THR A 499 15.28 27.02 -20.60
C THR A 499 15.81 25.76 -21.27
N LEU A 500 15.64 24.63 -20.60
CA LEU A 500 16.10 23.34 -21.13
C LEU A 500 15.00 22.74 -22.01
N PHE A 501 15.37 22.43 -23.26
CA PHE A 501 14.49 21.83 -24.26
C PHE A 501 15.04 20.47 -24.69
N GLY A 502 14.14 19.61 -25.16
CA GLY A 502 14.56 18.34 -25.71
C GLY A 502 13.37 17.53 -26.17
N ARG A 503 13.68 16.48 -26.93
CA ARG A 503 12.67 15.47 -27.22
C ARG A 503 12.35 14.72 -25.94
N SER A 504 11.08 14.39 -25.74
CA SER A 504 10.76 13.84 -24.43
C SER A 504 9.62 12.82 -24.51
N TYR A 505 9.67 11.88 -23.56
CA TYR A 505 8.65 10.85 -23.37
C TYR A 505 7.30 11.43 -22.94
N GLY B 8 -18.27 15.71 22.84
CA GLY B 8 -18.93 14.66 23.60
C GLY B 8 -19.70 13.75 22.67
N LEU B 9 -19.87 12.47 23.05
CA LEU B 9 -20.46 11.50 22.15
C LEU B 9 -21.98 11.61 22.17
N GLU B 10 -22.57 11.56 23.38
CA GLU B 10 -23.99 11.82 23.61
C GLU B 10 -24.86 10.90 22.76
N ALA B 11 -24.42 9.65 22.62
CA ALA B 11 -25.21 8.58 22.05
C ALA B 11 -24.71 7.30 22.69
N LYS B 12 -25.62 6.40 23.03
CA LYS B 12 -25.32 5.28 23.90
C LYS B 12 -25.21 4.00 23.09
N LYS B 13 -24.14 3.24 23.34
CA LYS B 13 -23.88 2.02 22.58
C LYS B 13 -24.95 0.96 22.81
N GLU B 14 -25.57 0.95 23.98
CA GLU B 14 -26.57 -0.06 24.31
C GLU B 14 -27.96 0.30 23.79
N GLU B 15 -28.17 1.52 23.33
CA GLU B 15 -29.46 1.89 22.75
C GLU B 15 -29.41 1.73 21.25
N ASN B 16 -28.89 2.74 20.57
CA ASN B 16 -28.88 2.74 19.12
C ASN B 16 -27.45 2.49 18.65
N LEU B 17 -27.13 1.22 18.41
CA LEU B 17 -25.76 0.85 18.07
C LEU B 17 -25.32 1.52 16.77
N ALA B 18 -26.24 1.64 15.80
CA ALA B 18 -25.88 2.23 14.51
C ALA B 18 -25.47 3.68 14.69
N ASP B 19 -26.29 4.46 15.38
CA ASP B 19 -25.94 5.86 15.59
C ASP B 19 -24.67 6.01 16.42
N TRP B 20 -24.49 5.17 17.44
CA TRP B 20 -23.27 5.22 18.23
C TRP B 20 -22.05 4.97 17.35
N TYR B 21 -22.13 3.96 16.49
CA TYR B 21 -21.03 3.63 15.60
C TYR B 21 -20.68 4.81 14.71
N SER B 22 -21.71 5.41 14.10
CA SER B 22 -21.48 6.54 13.20
C SER B 22 -20.81 7.70 13.94
N GLN B 23 -21.32 8.01 15.14
CA GLN B 23 -20.75 9.08 15.96
C GLN B 23 -19.30 8.80 16.33
N VAL B 24 -19.01 7.56 16.75
CA VAL B 24 -17.66 7.21 17.19
C VAL B 24 -16.67 7.28 16.03
N ILE B 25 -17.07 6.76 14.86
CA ILE B 25 -16.09 6.73 13.77
C ILE B 25 -15.86 8.13 13.22
N THR B 26 -16.87 9.02 13.26
CA THR B 26 -16.65 10.37 12.77
C THR B 26 -15.91 11.22 13.78
N LYS B 27 -16.34 11.18 15.05
CA LYS B 27 -15.80 12.06 16.08
C LYS B 27 -14.41 11.64 16.54
N SER B 28 -13.99 10.41 16.28
CA SER B 28 -12.61 10.03 16.49
C SER B 28 -11.73 10.41 15.31
N GLU B 29 -12.31 11.08 14.31
CA GLU B 29 -11.60 11.47 13.10
C GLU B 29 -11.04 10.24 12.38
N MET B 30 -11.76 9.12 12.45
CA MET B 30 -11.36 7.92 11.71
C MET B 30 -11.88 7.95 10.28
N ILE B 31 -13.15 8.31 10.13
CA ILE B 31 -13.92 8.21 8.88
C ILE B 31 -14.38 9.60 8.47
N GLU B 32 -14.37 9.89 7.19
CA GLU B 32 -15.11 11.03 6.64
C GLU B 32 -16.03 10.55 5.52
N TYR B 33 -17.20 11.14 5.42
CA TYR B 33 -18.17 10.64 4.46
C TYR B 33 -17.88 11.18 3.06
N HIS B 34 -18.20 10.37 2.05
CA HIS B 34 -18.02 10.70 0.65
C HIS B 34 -19.40 10.86 0.01
N ASP B 35 -19.46 11.55 -1.13
CA ASP B 35 -20.74 11.75 -1.81
C ASP B 35 -21.16 10.55 -2.67
N ILE B 36 -20.50 9.40 -2.49
CA ILE B 36 -20.85 8.19 -3.22
C ILE B 36 -21.07 7.08 -2.18
N SER B 37 -22.28 6.55 -2.15
CA SER B 37 -22.70 5.65 -1.09
C SER B 37 -21.83 4.40 -1.05
N GLY B 38 -21.47 3.97 0.16
CA GLY B 38 -20.64 2.81 0.31
C GLY B 38 -19.14 3.04 0.12
N CYS B 39 -18.70 4.29 0.01
CA CYS B 39 -17.27 4.62 -0.05
C CYS B 39 -16.93 5.70 0.97
N TYR B 40 -15.84 5.52 1.69
CA TYR B 40 -15.55 6.39 2.83
C TYR B 40 -14.09 6.78 2.85
N ILE B 41 -13.82 7.97 3.39
CA ILE B 41 -12.46 8.46 3.50
C ILE B 41 -11.86 7.89 4.78
N LEU B 42 -10.72 7.22 4.65
CA LEU B 42 -9.95 6.76 5.82
C LEU B 42 -8.95 7.86 6.19
N ARG B 43 -9.29 8.65 7.21
CA ARG B 43 -8.39 9.68 7.69
C ARG B 43 -7.22 9.02 8.43
N PRO B 44 -6.15 9.78 8.76
CA PRO B 44 -4.95 9.14 9.32
C PRO B 44 -5.21 8.34 10.58
N TRP B 45 -6.19 8.73 11.39
CA TRP B 45 -6.34 8.05 12.69
C TRP B 45 -6.64 6.56 12.49
N ALA B 46 -7.42 6.23 11.46
CA ALA B 46 -7.75 4.85 11.11
C ALA B 46 -6.72 4.23 10.17
N TYR B 47 -6.25 5.00 9.18
CA TYR B 47 -5.28 4.46 8.24
C TYR B 47 -4.02 4.00 8.97
N ALA B 48 -3.64 4.68 10.04
CA ALA B 48 -2.48 4.17 10.79
C ALA B 48 -2.75 2.80 11.42
N ILE B 49 -4.01 2.50 11.78
CA ILE B 49 -4.27 1.15 12.27
C ILE B 49 -4.09 0.13 11.16
N TRP B 50 -4.59 0.47 9.97
CA TRP B 50 -4.37 -0.45 8.85
C TRP B 50 -2.89 -0.63 8.57
N GLU B 51 -2.10 0.45 8.69
CA GLU B 51 -0.67 0.35 8.44
C GLU B 51 0.02 -0.54 9.49
N ALA B 52 -0.44 -0.50 10.74
CA ALA B 52 0.10 -1.41 11.76
C ALA B 52 -0.21 -2.87 11.42
N ILE B 53 -1.46 -3.15 11.05
CA ILE B 53 -1.84 -4.49 10.64
C ILE B 53 -0.98 -4.95 9.47
N LYS B 54 -0.78 -4.06 8.51
CA LYS B 54 0.01 -4.32 7.32
C LYS B 54 1.45 -4.67 7.67
N ASP B 55 2.09 -3.87 8.53
CA ASP B 55 3.47 -4.14 8.90
C ASP B 55 3.58 -5.53 9.50
N PHE B 56 2.68 -5.85 10.43
CA PHE B 56 2.73 -7.16 11.08
C PHE B 56 2.55 -8.29 10.06
N PHE B 57 1.47 -8.23 9.27
CA PHE B 57 1.13 -9.34 8.38
C PHE B 57 2.17 -9.49 7.28
N ASP B 58 2.64 -8.37 6.71
CA ASP B 58 3.73 -8.39 5.74
C ASP B 58 4.96 -9.12 6.27
N ALA B 59 5.43 -8.75 7.48
CA ALA B 59 6.58 -9.44 8.05
C ALA B 59 6.32 -10.94 8.16
N GLU B 60 5.10 -11.31 8.61
CA GLU B 60 4.82 -12.72 8.86
C GLU B 60 4.72 -13.52 7.57
N ILE B 61 4.09 -12.97 6.52
CA ILE B 61 3.98 -13.75 5.30
C ILE B 61 5.33 -13.82 4.59
N LYS B 62 6.18 -12.79 4.75
CA LYS B 62 7.51 -12.91 4.17
C LYS B 62 8.30 -14.04 4.79
N LYS B 63 8.16 -14.25 6.11
CA LYS B 63 8.82 -15.42 6.69
C LYS B 63 8.32 -16.74 6.08
N LEU B 64 7.09 -16.78 5.59
CA LEU B 64 6.59 -17.98 4.91
C LEU B 64 7.06 -18.06 3.46
N GLY B 65 7.73 -17.04 2.94
CA GLY B 65 8.16 -17.06 1.56
C GLY B 65 7.21 -16.39 0.61
N VAL B 66 6.23 -15.67 1.10
CA VAL B 66 5.33 -14.94 0.21
C VAL B 66 6.01 -13.66 -0.26
N GLU B 67 5.77 -13.28 -1.51
CA GLU B 67 6.32 -12.05 -2.06
C GLU B 67 5.21 -11.10 -2.48
N ASN B 68 5.46 -9.80 -2.34
CA ASN B 68 4.49 -8.82 -2.72
C ASN B 68 4.63 -8.46 -4.20
N CYS B 69 3.50 -8.11 -4.80
CA CYS B 69 3.41 -7.76 -6.21
C CYS B 69 2.21 -6.84 -6.40
N TYR B 70 1.95 -6.46 -7.66
CA TYR B 70 0.75 -5.66 -7.93
C TYR B 70 0.23 -5.96 -9.33
N PHE B 71 -0.92 -6.60 -9.38
CA PHE B 71 -1.58 -6.91 -10.65
C PHE B 71 -2.56 -5.82 -11.02
N PRO B 72 -2.96 -5.75 -12.29
CA PRO B 72 -3.85 -4.67 -12.75
C PRO B 72 -5.22 -4.69 -12.08
N MET B 73 -5.82 -3.50 -12.00
CA MET B 73 -7.17 -3.38 -11.48
C MET B 73 -8.24 -3.75 -12.50
N PHE B 74 -7.92 -3.75 -13.78
CA PHE B 74 -8.96 -3.95 -14.79
C PHE B 74 -8.94 -5.38 -15.31
N VAL B 75 -10.14 -5.95 -15.44
CA VAL B 75 -10.34 -7.30 -15.95
C VAL B 75 -11.06 -7.17 -17.28
N SER B 76 -10.55 -7.83 -18.32
CA SER B 76 -11.30 -7.79 -19.57
C SER B 76 -12.60 -8.57 -19.41
N GLN B 77 -13.55 -8.29 -20.28
CA GLN B 77 -14.79 -9.07 -20.27
C GLN B 77 -14.51 -10.54 -20.54
N SER B 78 -13.61 -10.83 -21.48
CA SER B 78 -13.24 -12.21 -21.80
C SER B 78 -12.65 -12.92 -20.60
N ALA B 79 -11.69 -12.28 -19.93
CA ALA B 79 -11.03 -12.93 -18.82
C ALA B 79 -11.99 -13.10 -17.64
N LEU B 80 -12.91 -12.15 -17.44
CA LEU B 80 -13.83 -12.25 -16.30
C LEU B 80 -14.83 -13.38 -16.50
N GLU B 81 -15.41 -13.47 -17.70
CA GLU B 81 -16.42 -14.46 -18.04
C GLU B 81 -15.84 -15.78 -18.56
N LYS B 82 -14.51 -15.96 -18.52
CA LYS B 82 -13.90 -17.10 -19.22
C LYS B 82 -14.16 -18.41 -18.50
N GLU B 83 -13.88 -18.47 -17.21
CA GLU B 83 -14.02 -19.68 -16.43
C GLU B 83 -15.01 -19.49 -15.30
N LYS B 84 -15.49 -20.61 -14.77
CA LYS B 84 -16.39 -20.63 -13.62
C LYS B 84 -15.62 -20.23 -12.35
N THR B 85 -15.00 -19.06 -12.37
CA THR B 85 -14.24 -18.57 -11.22
C THR B 85 -15.13 -18.16 -10.05
N HIS B 86 -16.40 -17.85 -10.32
CA HIS B 86 -17.30 -17.33 -9.29
C HIS B 86 -18.73 -17.52 -9.79
N VAL B 87 -19.68 -17.56 -8.85
CA VAL B 87 -21.05 -17.88 -9.20
C VAL B 87 -21.68 -16.73 -9.96
N ALA B 88 -22.79 -17.03 -10.61
CA ALA B 88 -23.51 -16.06 -11.43
C ALA B 88 -24.15 -14.96 -10.60
N ASP B 89 -24.52 -15.26 -9.34
CA ASP B 89 -25.12 -14.26 -8.46
C ASP B 89 -24.22 -13.06 -8.21
N PHE B 90 -22.93 -13.14 -8.55
CA PHE B 90 -22.02 -12.02 -8.38
C PHE B 90 -22.10 -11.01 -9.53
N ALA B 91 -22.64 -11.43 -10.68
CA ALA B 91 -22.65 -10.60 -11.89
C ALA B 91 -23.20 -9.19 -11.70
N PRO B 92 -24.35 -8.95 -11.04
CA PRO B 92 -24.85 -7.56 -10.91
C PRO B 92 -24.01 -6.66 -10.04
N GLU B 93 -22.97 -7.18 -9.38
CA GLU B 93 -22.15 -6.43 -8.45
C GLU B 93 -20.77 -6.11 -9.00
N VAL B 94 -20.52 -6.47 -10.26
CA VAL B 94 -19.31 -6.06 -10.96
C VAL B 94 -19.48 -4.66 -11.53
N ALA B 95 -18.54 -3.76 -11.23
CA ALA B 95 -18.55 -2.40 -11.77
C ALA B 95 -17.81 -2.34 -13.10
N TRP B 96 -18.46 -1.79 -14.14
CA TRP B 96 -17.96 -1.76 -15.51
C TRP B 96 -17.57 -0.36 -15.96
N VAL B 97 -16.32 -0.20 -16.39
CA VAL B 97 -15.90 0.98 -17.14
C VAL B 97 -16.32 0.80 -18.60
N THR B 98 -17.14 1.70 -19.10
CA THR B 98 -17.59 1.56 -20.48
C THR B 98 -17.12 2.68 -21.38
N ARG B 99 -16.51 3.73 -20.84
CA ARG B 99 -16.04 4.81 -21.71
C ARG B 99 -14.88 5.51 -21.04
N SER B 100 -14.08 6.17 -21.87
CA SER B 100 -12.98 7.01 -21.41
C SER B 100 -13.19 8.39 -22.01
N GLY B 101 -13.31 9.39 -21.15
CA GLY B 101 -13.78 10.68 -21.65
C GLY B 101 -15.17 10.49 -22.23
N LYS B 102 -15.38 10.95 -23.47
CA LYS B 102 -16.69 10.92 -24.11
C LYS B 102 -16.83 9.79 -25.11
N THR B 103 -15.88 8.86 -25.15
CA THR B 103 -15.85 7.87 -26.21
C THR B 103 -15.99 6.46 -25.65
N GLU B 104 -16.96 5.72 -26.21
CA GLU B 104 -17.21 4.34 -25.81
C GLU B 104 -15.96 3.50 -25.97
N LEU B 105 -15.66 2.67 -24.96
CA LEU B 105 -14.70 1.62 -25.17
C LEU B 105 -15.28 0.58 -26.11
N ALA B 106 -14.42 0.02 -26.97
CA ALA B 106 -14.84 -1.07 -27.84
C ALA B 106 -15.32 -2.25 -27.01
N GLU B 107 -14.52 -2.66 -26.02
CA GLU B 107 -14.86 -3.66 -25.04
C GLU B 107 -14.90 -3.03 -23.64
N PRO B 108 -15.98 -3.17 -22.89
CA PRO B 108 -15.98 -2.67 -21.51
C PRO B 108 -15.04 -3.49 -20.63
N ILE B 109 -14.54 -2.87 -19.58
CA ILE B 109 -13.64 -3.57 -18.66
C ILE B 109 -14.19 -3.44 -17.24
N ALA B 110 -13.92 -4.46 -16.43
CA ALA B 110 -14.49 -4.52 -15.09
C ALA B 110 -13.44 -4.14 -14.07
N ILE B 111 -13.88 -3.51 -12.99
CA ILE B 111 -13.01 -3.29 -11.84
C ILE B 111 -12.96 -4.58 -11.03
N ARG B 112 -11.76 -5.00 -10.65
CA ARG B 112 -11.57 -6.23 -9.89
C ARG B 112 -12.42 -6.24 -8.62
N PRO B 113 -13.26 -7.25 -8.42
CA PRO B 113 -13.81 -7.54 -7.07
C PRO B 113 -12.94 -8.50 -6.27
N THR B 114 -11.91 -9.07 -6.89
CA THR B 114 -10.96 -10.08 -6.43
C THR B 114 -10.20 -10.45 -7.71
N SER B 115 -8.97 -10.97 -7.60
CA SER B 115 -8.06 -10.93 -8.74
C SER B 115 -7.76 -12.28 -9.39
N GLU B 116 -8.50 -13.35 -9.03
CA GLU B 116 -8.26 -14.67 -9.62
C GLU B 116 -8.15 -14.60 -11.14
N THR B 117 -9.11 -13.93 -11.78
CA THR B 117 -9.20 -13.91 -13.24
C THR B 117 -8.09 -13.11 -13.88
N VAL B 118 -7.34 -12.33 -13.10
CA VAL B 118 -6.20 -11.57 -13.57
C VAL B 118 -4.89 -12.31 -13.30
N MET B 119 -4.78 -12.95 -12.13
CA MET B 119 -3.54 -13.64 -11.75
C MET B 119 -3.39 -15.01 -12.40
N TYR B 120 -4.44 -15.81 -12.38
CA TYR B 120 -4.25 -17.21 -12.74
C TYR B 120 -3.86 -17.44 -14.21
N PRO B 121 -4.28 -16.61 -15.19
CA PRO B 121 -3.67 -16.77 -16.52
C PRO B 121 -2.18 -16.49 -16.51
N ALA B 122 -1.72 -15.60 -15.61
CA ALA B 122 -0.28 -15.37 -15.51
C ALA B 122 0.40 -16.55 -14.85
N TYR B 123 -0.19 -17.08 -13.76
CA TYR B 123 0.35 -18.28 -13.13
C TYR B 123 0.49 -19.39 -14.14
N ALA B 124 -0.49 -19.54 -15.03
CA ALA B 124 -0.41 -20.62 -16.01
C ALA B 124 0.74 -20.38 -16.98
N LYS B 125 0.93 -19.14 -17.42
CA LYS B 125 2.12 -18.85 -18.22
C LYS B 125 3.40 -19.16 -17.46
N TRP B 126 3.47 -18.84 -16.17
CA TRP B 126 4.71 -18.98 -15.42
C TRP B 126 5.06 -20.41 -15.00
N VAL B 127 4.13 -21.36 -15.05
CA VAL B 127 4.43 -22.72 -14.63
C VAL B 127 4.72 -23.53 -15.89
N GLN B 128 6.00 -23.67 -16.20
CA GLN B 128 6.40 -24.49 -17.34
C GLN B 128 6.98 -25.83 -16.92
N SER B 129 7.25 -26.01 -15.63
CA SER B 129 7.87 -27.23 -15.10
C SER B 129 7.80 -27.18 -13.58
N HIS B 130 8.23 -28.27 -12.94
CA HIS B 130 8.15 -28.37 -11.49
C HIS B 130 8.98 -27.30 -10.78
N ARG B 131 10.09 -26.86 -11.40
CA ARG B 131 10.99 -25.91 -10.78
C ARG B 131 10.35 -24.55 -10.58
N ASP B 132 9.26 -24.27 -11.29
CA ASP B 132 8.54 -23.00 -11.22
C ASP B 132 7.53 -22.97 -10.08
N LEU B 133 7.37 -24.05 -9.33
CA LEU B 133 6.51 -24.07 -8.15
C LEU B 133 7.37 -24.22 -6.90
N PRO B 134 6.93 -23.67 -5.76
CA PRO B 134 5.67 -22.93 -5.58
C PRO B 134 5.69 -21.46 -6.03
N ILE B 135 4.51 -20.92 -6.34
CA ILE B 135 4.32 -19.49 -6.52
C ILE B 135 3.52 -19.00 -5.31
N LYS B 136 4.04 -18.02 -4.58
CA LYS B 136 3.36 -17.49 -3.41
C LYS B 136 3.33 -15.98 -3.52
N LEU B 137 2.20 -15.38 -3.98
CA LEU B 137 2.16 -13.93 -4.18
C LEU B 137 1.05 -13.28 -3.38
N ASN B 138 1.32 -12.08 -2.92
CA ASN B 138 0.37 -11.30 -2.15
C ASN B 138 0.32 -9.90 -2.73
N GLN B 139 -0.84 -9.27 -2.60
CA GLN B 139 -0.93 -7.86 -2.93
C GLN B 139 -1.90 -7.15 -1.98
N TRP B 140 -1.48 -5.95 -1.59
CA TRP B 140 -2.32 -4.97 -0.93
C TRP B 140 -2.93 -4.09 -2.01
N CYS B 141 -4.25 -3.96 -2.01
CA CYS B 141 -4.87 -3.17 -3.06
C CYS B 141 -6.33 -2.97 -2.70
N ASN B 142 -7.02 -2.23 -3.53
CA ASN B 142 -8.43 -1.91 -3.34
C ASN B 142 -9.23 -2.75 -4.31
N VAL B 143 -10.43 -3.16 -3.88
CA VAL B 143 -11.36 -3.84 -4.77
C VAL B 143 -12.74 -3.22 -4.58
N VAL B 144 -13.63 -3.57 -5.50
CA VAL B 144 -14.91 -2.92 -5.64
C VAL B 144 -15.97 -3.99 -5.86
N ARG B 145 -17.07 -3.89 -5.11
CA ARG B 145 -18.16 -4.85 -5.16
C ARG B 145 -19.42 -4.02 -5.03
N TRP B 146 -20.13 -3.81 -6.13
CA TRP B 146 -21.13 -2.74 -6.22
C TRP B 146 -22.50 -3.27 -5.81
N GLU B 147 -22.67 -3.42 -4.49
CA GLU B 147 -23.90 -3.96 -3.92
C GLU B 147 -24.88 -2.85 -3.57
N PHE B 148 -26.17 -3.20 -3.54
CA PHE B 148 -27.16 -2.23 -3.10
C PHE B 148 -27.48 -2.34 -1.61
N LYS B 149 -27.11 -3.45 -0.97
CA LYS B 149 -27.36 -3.61 0.47
C LYS B 149 -26.75 -2.44 1.24
N HIS B 150 -27.36 -2.12 2.38
CA HIS B 150 -26.94 -1.00 3.20
C HIS B 150 -25.46 -1.13 3.56
N PRO B 151 -24.61 -0.21 3.12
CA PRO B 151 -23.20 -0.29 3.49
C PRO B 151 -23.00 0.17 4.92
N GLN B 152 -21.87 -0.23 5.49
CA GLN B 152 -21.50 0.22 6.83
C GLN B 152 -20.01 0.48 6.83
N PRO B 153 -19.59 1.67 7.25
CA PRO B 153 -18.15 1.98 7.26
C PRO B 153 -17.32 0.88 7.92
N PHE B 154 -16.16 0.62 7.33
CA PHE B 154 -15.27 -0.47 7.71
C PHE B 154 -15.87 -1.88 7.52
N LEU B 155 -17.12 -2.13 7.91
CA LEU B 155 -17.61 -3.51 7.97
C LEU B 155 -18.00 -4.08 6.60
N ARG B 156 -18.74 -3.30 5.80
CA ARG B 156 -19.21 -3.73 4.47
C ARG B 156 -19.29 -2.50 3.58
N THR B 157 -18.38 -2.35 2.62
CA THR B 157 -18.40 -1.17 1.77
C THR B 157 -18.22 -1.58 0.32
N ARG B 158 -18.57 -0.67 -0.60
CA ARG B 158 -18.43 -0.96 -2.02
C ARG B 158 -16.97 -0.98 -2.44
N GLU B 159 -16.19 -0.02 -2.02
CA GLU B 159 -14.76 -0.08 -2.24
C GLU B 159 -14.10 -0.41 -0.92
N PHE B 160 -13.11 -1.29 -0.94
CA PHE B 160 -12.39 -1.50 0.30
C PHE B 160 -10.96 -1.91 0.04
N LEU B 161 -10.14 -1.73 1.07
CA LEU B 161 -8.74 -2.11 1.03
C LEU B 161 -8.62 -3.53 1.58
N TRP B 162 -7.73 -4.31 1.01
CA TRP B 162 -7.46 -5.63 1.49
C TRP B 162 -6.14 -6.12 1.04
N GLN B 163 -5.78 -7.29 1.49
CA GLN B 163 -4.70 -8.03 0.94
C GLN B 163 -5.31 -9.32 0.45
N GLU B 164 -4.81 -9.81 -0.66
CA GLU B 164 -5.24 -11.06 -1.19
C GLU B 164 -3.99 -11.84 -1.55
N GLY B 165 -3.83 -13.02 -0.98
CA GLY B 165 -2.70 -13.88 -1.23
C GLY B 165 -3.21 -15.01 -2.10
N HIS B 166 -2.40 -15.43 -3.06
CA HIS B 166 -2.72 -16.49 -4.02
C HIS B 166 -1.46 -17.33 -4.23
N SER B 167 -1.55 -18.62 -3.96
CA SER B 167 -0.37 -19.47 -4.02
C SER B 167 -0.71 -20.78 -4.70
N ALA B 168 0.31 -21.34 -5.35
CA ALA B 168 0.24 -22.55 -6.17
C ALA B 168 1.42 -23.44 -5.78
N PHE B 169 1.15 -24.74 -5.67
CA PHE B 169 2.09 -25.72 -5.15
C PHE B 169 2.05 -26.97 -6.02
N ALA B 170 3.10 -27.77 -5.89
CA ALA B 170 3.19 -29.05 -6.59
C ALA B 170 2.33 -30.11 -5.92
N THR B 171 2.13 -30.02 -4.61
CA THR B 171 1.46 -31.06 -3.85
C THR B 171 0.38 -30.49 -2.95
N MET B 172 -0.51 -31.38 -2.50
CA MET B 172 -1.61 -30.96 -1.63
C MET B 172 -1.10 -30.63 -0.23
N GLU B 173 -0.14 -31.40 0.28
CA GLU B 173 0.35 -31.22 1.64
C GLU B 173 0.91 -29.80 1.87
N GLU B 174 1.68 -29.29 0.91
CA GLU B 174 2.21 -27.92 1.05
C GLU B 174 1.08 -26.90 1.18
N ALA B 175 0.08 -27.00 0.30
CA ALA B 175 -1.03 -26.06 0.27
C ALA B 175 -1.85 -26.15 1.55
N ALA B 176 -2.21 -27.37 1.96
CA ALA B 176 -2.91 -27.58 3.22
C ALA B 176 -2.16 -26.89 4.37
N GLU B 177 -0.84 -27.10 4.45
CA GLU B 177 -0.08 -26.48 5.53
C GLU B 177 -0.24 -24.96 5.50
N GLU B 178 -0.11 -24.36 4.30
CA GLU B 178 -0.16 -22.90 4.24
C GLU B 178 -1.54 -22.37 4.63
N VAL B 179 -2.63 -23.06 4.26
CA VAL B 179 -3.97 -22.55 4.57
C VAL B 179 -4.10 -22.28 6.06
N LEU B 180 -3.69 -23.25 6.89
CA LEU B 180 -3.81 -23.14 8.33
C LEU B 180 -2.80 -22.14 8.90
N GLN B 181 -1.60 -22.06 8.32
CA GLN B 181 -0.67 -21.00 8.74
C GLN B 181 -1.27 -19.61 8.54
N ILE B 182 -1.89 -19.37 7.38
CA ILE B 182 -2.47 -18.04 7.13
C ILE B 182 -3.66 -17.79 8.05
N LEU B 183 -4.53 -18.79 8.23
CA LEU B 183 -5.64 -18.62 9.15
C LEU B 183 -5.15 -18.28 10.55
N ASP B 184 -4.10 -18.97 11.01
CA ASP B 184 -3.52 -18.63 12.31
C ASP B 184 -2.94 -17.22 12.33
N LEU B 185 -2.35 -16.75 11.21
CA LEU B 185 -1.90 -15.37 11.16
C LEU B 185 -3.07 -14.39 11.31
N TYR B 186 -4.19 -14.66 10.63
CA TYR B 186 -5.36 -13.79 10.79
C TYR B 186 -5.83 -13.80 12.25
N ALA B 187 -5.80 -14.98 12.88
CA ALA B 187 -6.17 -15.07 14.30
C ALA B 187 -5.22 -14.25 15.17
N GLN B 188 -3.92 -14.22 14.81
CA GLN B 188 -2.98 -13.37 15.54
C GLN B 188 -3.26 -11.89 15.32
N VAL B 189 -3.60 -11.49 14.10
CA VAL B 189 -3.98 -10.10 13.85
C VAL B 189 -5.10 -9.70 14.79
N TYR B 190 -6.15 -10.54 14.85
CA TYR B 190 -7.31 -10.20 15.67
C TYR B 190 -6.98 -10.23 17.17
N GLU B 191 -6.41 -11.34 17.65
CA GLU B 191 -6.28 -11.54 19.09
C GLU B 191 -5.09 -10.79 19.68
N GLU B 192 -3.96 -10.76 18.97
CA GLU B 192 -2.74 -10.16 19.49
C GLU B 192 -2.62 -8.66 19.19
N LEU B 193 -3.04 -8.21 18.00
CA LEU B 193 -2.96 -6.77 17.73
C LEU B 193 -4.22 -6.03 18.17
N LEU B 194 -5.39 -6.56 17.81
CA LEU B 194 -6.65 -5.88 18.04
C LEU B 194 -7.35 -6.31 19.33
N ALA B 195 -6.85 -7.35 20.01
CA ALA B 195 -7.40 -7.80 21.29
C ALA B 195 -8.82 -8.33 21.14
N ILE B 196 -9.05 -9.07 20.05
CA ILE B 196 -10.36 -9.60 19.69
C ILE B 196 -10.24 -11.11 19.61
N PRO B 197 -10.94 -11.86 20.44
CA PRO B 197 -10.92 -13.33 20.31
C PRO B 197 -11.77 -13.76 19.13
N VAL B 198 -11.34 -14.84 18.46
CA VAL B 198 -12.03 -15.38 17.29
C VAL B 198 -12.13 -16.89 17.39
N VAL B 199 -13.03 -17.47 16.59
CA VAL B 199 -13.26 -18.91 16.51
C VAL B 199 -12.80 -19.37 15.13
N LYS B 200 -11.76 -20.20 15.09
CA LYS B 200 -11.32 -20.80 13.84
C LYS B 200 -12.24 -21.94 13.46
N GLY B 201 -12.51 -22.06 12.17
CA GLY B 201 -13.26 -23.22 11.73
C GLY B 201 -13.38 -23.29 10.22
N ARG B 202 -14.18 -24.25 9.78
CA ARG B 202 -14.47 -24.48 8.37
C ARG B 202 -15.86 -23.96 8.03
N LYS B 203 -15.99 -23.31 6.87
CA LYS B 203 -17.31 -22.92 6.39
C LYS B 203 -18.09 -24.14 5.95
N THR B 204 -19.41 -24.10 6.15
CA THR B 204 -20.31 -25.14 5.64
C THR B 204 -20.33 -25.13 4.12
N GLU B 205 -20.97 -26.17 3.57
CA GLU B 205 -21.12 -26.28 2.11
C GLU B 205 -21.83 -25.05 1.54
N LYS B 206 -22.91 -24.60 2.18
CA LYS B 206 -23.61 -23.41 1.72
C LYS B 206 -22.71 -22.19 1.74
N GLU B 207 -21.88 -22.05 2.77
CA GLU B 207 -21.16 -20.79 2.99
C GLU B 207 -19.74 -20.74 2.44
N LYS B 208 -19.18 -21.84 1.96
CA LYS B 208 -17.79 -21.81 1.49
C LYS B 208 -17.68 -21.08 0.15
N PHE B 209 -16.45 -20.71 -0.20
CA PHE B 209 -16.16 -20.21 -1.55
C PHE B 209 -16.46 -21.33 -2.56
N ALA B 210 -17.34 -21.02 -3.54
CA ALA B 210 -17.96 -22.07 -4.32
C ALA B 210 -16.95 -22.82 -5.17
N GLY B 211 -16.01 -22.12 -5.79
CA GLY B 211 -15.06 -22.84 -6.61
C GLY B 211 -13.91 -23.48 -5.88
N GLY B 212 -13.87 -23.40 -4.55
CA GLY B 212 -12.80 -23.98 -3.78
C GLY B 212 -13.16 -25.35 -3.24
N ASP B 213 -12.16 -26.02 -2.65
CA ASP B 213 -12.41 -27.32 -2.04
C ASP B 213 -12.92 -27.17 -0.62
N TYR B 214 -12.28 -26.30 0.17
CA TYR B 214 -12.86 -25.90 1.44
C TYR B 214 -12.40 -24.49 1.78
N THR B 215 -13.20 -23.82 2.59
CA THR B 215 -12.89 -22.48 3.09
C THR B 215 -12.71 -22.56 4.60
N THR B 216 -11.57 -22.08 5.10
CA THR B 216 -11.42 -21.90 6.54
C THR B 216 -11.62 -20.43 6.88
N THR B 217 -11.94 -20.17 8.15
CA THR B 217 -12.41 -18.84 8.52
C THR B 217 -12.13 -18.60 10.00
N ILE B 218 -12.10 -17.31 10.35
CA ILE B 218 -12.13 -16.86 11.73
C ILE B 218 -13.38 -16.00 11.92
N GLU B 219 -14.16 -16.32 12.95
CA GLU B 219 -15.41 -15.62 13.25
C GLU B 219 -15.27 -14.86 14.57
N ALA B 220 -15.76 -13.61 14.60
CA ALA B 220 -15.73 -12.79 15.79
C ALA B 220 -17.16 -12.43 16.21
N PHE B 221 -17.36 -12.15 17.49
CA PHE B 221 -18.68 -11.84 18.03
C PHE B 221 -18.76 -10.38 18.47
N ILE B 222 -19.85 -9.71 18.12
CA ILE B 222 -20.16 -8.34 18.52
C ILE B 222 -21.39 -8.44 19.42
N SER B 223 -21.18 -8.28 20.72
CA SER B 223 -22.23 -8.44 21.71
C SER B 223 -23.20 -7.26 21.79
N ALA B 224 -22.76 -6.05 21.44
CA ALA B 224 -23.69 -4.93 21.37
C ALA B 224 -24.82 -5.20 20.39
N SER B 225 -24.56 -5.91 19.30
CA SER B 225 -25.56 -6.24 18.32
C SER B 225 -26.08 -7.67 18.43
N GLY B 226 -25.46 -8.50 19.28
CA GLY B 226 -25.78 -9.91 19.29
C GLY B 226 -25.43 -10.64 18.02
N ARG B 227 -24.54 -10.09 17.19
CA ARG B 227 -24.26 -10.67 15.88
C ARG B 227 -22.82 -11.17 15.83
N ALA B 228 -22.54 -11.99 14.83
CA ALA B 228 -21.19 -12.44 14.53
C ALA B 228 -20.79 -11.91 13.17
N ILE B 229 -19.49 -11.86 12.94
CA ILE B 229 -18.95 -11.37 11.67
C ILE B 229 -17.65 -12.10 11.36
N GLN B 230 -17.43 -12.37 10.09
CA GLN B 230 -16.22 -13.05 9.64
C GLN B 230 -15.06 -12.06 9.57
N GLY B 231 -13.92 -12.44 10.13
CA GLY B 231 -12.80 -11.54 10.24
C GLY B 231 -11.78 -11.69 9.14
N GLY B 232 -11.71 -12.88 8.54
CA GLY B 232 -10.74 -13.18 7.48
C GLY B 232 -11.05 -14.57 6.96
N THR B 233 -10.37 -14.92 5.87
CA THR B 233 -10.71 -16.18 5.23
C THR B 233 -9.48 -16.77 4.53
N SER B 234 -9.44 -18.09 4.47
CA SER B 234 -8.28 -18.77 3.91
C SER B 234 -8.77 -20.05 3.23
N HIS B 235 -8.77 -20.05 1.90
CA HIS B 235 -9.38 -21.12 1.12
C HIS B 235 -8.34 -22.10 0.60
N HIS B 236 -8.68 -23.39 0.62
CA HIS B 236 -7.97 -24.36 -0.21
C HIS B 236 -8.75 -24.55 -1.51
N LEU B 237 -8.13 -24.21 -2.62
CA LEU B 237 -8.75 -24.38 -3.92
C LEU B 237 -8.49 -25.75 -4.50
N GLY B 238 -7.51 -26.45 -3.95
CA GLY B 238 -7.19 -27.76 -4.51
C GLY B 238 -6.72 -27.57 -5.95
N GLN B 239 -7.29 -28.35 -6.86
CA GLN B 239 -6.94 -28.26 -8.27
C GLN B 239 -8.07 -27.70 -9.11
N ASN B 240 -9.08 -27.06 -8.49
CA ASN B 240 -10.20 -26.58 -9.28
C ASN B 240 -9.77 -25.48 -10.25
N PHE B 241 -9.11 -24.44 -9.75
CA PHE B 241 -8.73 -23.34 -10.65
C PHE B 241 -7.56 -23.70 -11.56
N SER B 242 -6.67 -24.61 -11.16
CA SER B 242 -5.55 -24.92 -12.03
C SER B 242 -6.00 -25.73 -13.23
N LYS B 243 -7.03 -26.58 -13.07
CA LYS B 243 -7.63 -27.24 -14.22
C LYS B 243 -8.44 -26.25 -15.05
N MET B 244 -9.07 -25.26 -14.42
CA MET B 244 -9.76 -24.22 -15.21
C MET B 244 -8.78 -23.42 -16.08
N PHE B 245 -7.67 -22.97 -15.48
CA PHE B 245 -6.73 -22.07 -16.17
C PHE B 245 -5.53 -22.81 -16.76
N GLU B 246 -5.47 -24.13 -16.60
CA GLU B 246 -4.36 -24.91 -17.13
C GLU B 246 -3.04 -24.42 -16.51
N ILE B 247 -3.00 -24.42 -15.18
CA ILE B 247 -1.75 -24.20 -14.45
C ILE B 247 -1.21 -25.60 -14.17
N VAL B 248 -0.31 -26.06 -15.03
CA VAL B 248 0.01 -27.49 -15.08
C VAL B 248 1.49 -27.67 -15.40
N PHE B 249 2.06 -28.78 -14.93
CA PHE B 249 3.40 -29.17 -15.31
C PHE B 249 3.43 -30.67 -15.56
N GLU B 250 4.60 -31.15 -15.95
CA GLU B 250 4.82 -32.57 -16.13
C GLU B 250 6.00 -32.99 -15.26
N ASP B 251 5.79 -34.03 -14.46
CA ASP B 251 6.89 -34.71 -13.80
C ASP B 251 7.44 -35.77 -14.74
N PRO B 252 8.73 -35.73 -15.08
CA PRO B 252 9.28 -36.76 -15.96
C PRO B 252 9.33 -38.15 -15.33
N LYS B 253 9.34 -38.24 -14.00
CA LYS B 253 9.21 -39.53 -13.32
C LYS B 253 7.79 -40.07 -13.40
N ILE B 254 6.82 -39.25 -13.81
CA ILE B 254 5.47 -39.74 -14.07
C ILE B 254 5.12 -39.39 -15.51
N PRO B 255 5.74 -40.06 -16.48
CA PRO B 255 5.40 -39.76 -17.88
C PRO B 255 3.95 -40.07 -18.18
N GLY B 256 3.32 -39.20 -18.95
CA GLY B 256 1.93 -39.40 -19.34
C GLY B 256 0.88 -38.97 -18.34
N GLU B 257 1.21 -38.08 -17.40
CA GLU B 257 0.20 -37.54 -16.51
C GLU B 257 0.50 -36.07 -16.26
N LYS B 258 -0.53 -35.25 -16.41
CA LYS B 258 -0.45 -33.85 -16.04
C LYS B 258 -0.43 -33.72 -14.54
N GLN B 259 0.23 -32.68 -14.06
CA GLN B 259 0.16 -32.36 -12.64
C GLN B 259 -0.40 -30.94 -12.57
N PHE B 260 -1.67 -30.84 -12.19
CA PHE B 260 -2.28 -29.54 -11.99
C PHE B 260 -1.87 -29.00 -10.63
N ALA B 261 -1.51 -27.71 -10.59
CA ALA B 261 -1.07 -27.11 -9.34
C ALA B 261 -2.19 -27.20 -8.30
N TYR B 262 -1.79 -27.34 -7.04
CA TYR B 262 -2.70 -27.16 -5.92
C TYR B 262 -2.62 -25.72 -5.44
N GLN B 263 -3.76 -25.03 -5.37
CA GLN B 263 -3.79 -23.61 -5.02
C GLN B 263 -4.57 -23.32 -3.75
N ASN B 264 -4.14 -22.22 -3.12
CA ASN B 264 -4.84 -21.54 -2.04
C ASN B 264 -5.04 -20.07 -2.42
N SER B 265 -6.02 -19.44 -1.78
CA SER B 265 -6.13 -17.98 -1.73
C SER B 265 -6.62 -17.56 -0.35
N TRP B 266 -6.28 -16.34 0.06
CA TRP B 266 -6.63 -15.89 1.40
C TRP B 266 -6.74 -14.38 1.42
N GLY B 267 -7.62 -13.85 2.29
CA GLY B 267 -7.88 -12.42 2.27
C GLY B 267 -8.21 -11.80 3.61
N LEU B 268 -7.92 -10.51 3.70
CA LEU B 268 -8.15 -9.77 4.93
C LEU B 268 -8.31 -8.30 4.56
N THR B 269 -9.30 -7.63 5.16
CA THR B 269 -9.67 -6.25 4.81
C THR B 269 -9.63 -5.34 6.05
N THR B 270 -9.97 -4.06 5.81
CA THR B 270 -10.08 -3.03 6.85
C THR B 270 -11.28 -3.25 7.75
N ARG B 271 -12.13 -4.24 7.47
CA ARG B 271 -13.17 -4.63 8.41
C ARG B 271 -12.60 -4.82 9.80
N THR B 272 -11.34 -5.27 9.89
CA THR B 272 -10.59 -5.32 11.13
C THR B 272 -10.88 -4.12 12.03
N ILE B 273 -10.66 -2.91 11.50
CA ILE B 273 -10.85 -1.69 12.28
C ILE B 273 -12.28 -1.58 12.77
N GLY B 274 -13.25 -1.86 11.90
CA GLY B 274 -14.64 -1.87 12.32
C GLY B 274 -14.89 -2.83 13.47
N VAL B 275 -14.31 -4.02 13.40
CA VAL B 275 -14.54 -4.97 14.48
C VAL B 275 -13.87 -4.47 15.74
N MET B 276 -12.66 -3.91 15.62
CA MET B 276 -12.02 -3.30 16.77
C MET B 276 -12.91 -2.24 17.39
N THR B 277 -13.58 -1.43 16.54
CA THR B 277 -14.42 -0.36 17.08
C THR B 277 -15.62 -0.96 17.81
N MET B 278 -16.22 -2.02 17.26
CA MET B 278 -17.45 -2.52 17.83
C MET B 278 -17.19 -3.27 19.13
N VAL B 279 -16.06 -3.98 19.21
CA VAL B 279 -15.79 -4.83 20.37
C VAL B 279 -15.37 -3.98 21.56
N HIS B 280 -14.42 -3.07 21.35
CA HIS B 280 -13.78 -2.33 22.42
C HIS B 280 -14.40 -0.97 22.68
N GLY B 281 -15.09 -0.37 21.71
CA GLY B 281 -15.64 0.96 21.92
C GLY B 281 -16.62 0.98 23.09
N ASP B 282 -16.68 2.13 23.76
CA ASP B 282 -17.60 2.34 24.87
C ASP B 282 -18.32 3.68 24.71
N ASN B 283 -19.03 4.11 25.75
CA ASN B 283 -19.83 5.34 25.66
C ASN B 283 -19.01 6.61 25.77
N MET B 284 -17.69 6.52 25.90
CA MET B 284 -16.84 7.71 25.78
C MET B 284 -16.15 7.79 24.43
N GLY B 285 -16.30 6.78 23.58
CA GLY B 285 -15.74 6.82 22.24
C GLY B 285 -14.94 5.60 21.87
N LEU B 286 -13.98 5.78 20.96
CA LEU B 286 -13.06 4.72 20.58
C LEU B 286 -12.25 4.25 21.78
N VAL B 287 -11.82 2.98 21.73
CA VAL B 287 -10.81 2.43 22.64
C VAL B 287 -9.79 1.67 21.79
N LEU B 288 -8.57 2.15 21.77
CA LEU B 288 -7.53 1.59 20.91
C LEU B 288 -6.69 0.60 21.68
N PRO B 289 -6.52 -0.63 21.18
CA PRO B 289 -5.50 -1.51 21.75
C PRO B 289 -4.13 -0.89 21.58
N PRO B 290 -3.36 -0.76 22.67
CA PRO B 290 -2.04 -0.13 22.57
C PRO B 290 -1.21 -0.62 21.39
N ARG B 291 -1.42 -1.87 21.00
CA ARG B 291 -0.63 -2.48 19.95
C ARG B 291 -0.83 -1.77 18.61
N VAL B 292 -2.00 -1.18 18.37
CA VAL B 292 -2.25 -0.53 17.09
C VAL B 292 -2.55 0.96 17.21
N ALA B 293 -2.65 1.48 18.42
CA ALA B 293 -2.94 2.90 18.61
C ALA B 293 -1.89 3.78 17.94
N CYS B 294 -2.36 4.71 17.09
CA CYS B 294 -1.43 5.67 16.47
C CYS B 294 -0.67 6.45 17.53
N VAL B 295 -1.36 6.90 18.56
CA VAL B 295 -0.73 7.50 19.72
C VAL B 295 -1.09 6.62 20.91
N GLN B 296 -0.07 6.15 21.63
CA GLN B 296 -0.35 5.36 22.82
C GLN B 296 -0.47 6.21 24.07
N VAL B 297 0.28 7.30 24.15
CA VAL B 297 0.28 8.20 25.30
C VAL B 297 0.19 9.63 24.78
N VAL B 298 -0.77 10.41 25.28
CA VAL B 298 -0.87 11.83 24.98
C VAL B 298 -0.58 12.62 26.25
N ILE B 299 0.35 13.55 26.15
CA ILE B 299 0.75 14.37 27.29
C ILE B 299 -0.01 15.68 27.23
N ILE B 300 -0.67 16.05 28.31
CA ILE B 300 -1.44 17.25 28.34
C ILE B 300 -1.15 18.09 29.55
N PRO B 301 -0.80 19.35 29.36
CA PRO B 301 -0.53 20.20 30.51
C PRO B 301 -1.77 20.73 31.18
N CYS B 302 -1.85 20.65 32.50
CA CYS B 302 -2.98 21.13 33.27
C CYS B 302 -2.58 22.18 34.22
N GLY B 303 -3.58 22.64 34.93
CA GLY B 303 -3.47 23.65 35.95
C GLY B 303 -3.00 24.99 35.50
N ILE B 304 -3.01 25.27 34.21
CA ILE B 304 -2.52 26.59 33.80
C ILE B 304 -3.58 27.66 34.05
N SER B 309 1.94 32.21 36.07
CA SER B 309 3.23 32.89 35.99
C SER B 309 3.96 32.52 34.71
N GLU B 310 4.75 33.45 34.16
CA GLU B 310 5.35 33.21 32.85
C GLU B 310 6.51 32.23 32.93
N GLU B 311 7.35 32.38 33.96
CA GLU B 311 8.43 31.40 34.19
C GLU B 311 7.85 30.01 34.41
N ASP B 312 6.80 29.91 35.22
CA ASP B 312 6.18 28.63 35.53
C ASP B 312 5.55 28.01 34.31
N LYS B 313 4.96 28.82 33.45
CA LYS B 313 4.36 28.30 32.23
C LYS B 313 5.43 27.73 31.31
N GLU B 314 6.51 28.50 31.11
CA GLU B 314 7.63 28.00 30.30
C GLU B 314 8.13 26.66 30.84
N ALA B 315 8.30 26.56 32.16
CA ALA B 315 8.82 25.33 32.77
C ALA B 315 7.87 24.16 32.54
N LEU B 316 6.56 24.38 32.75
CA LEU B 316 5.61 23.30 32.57
C LEU B 316 5.64 22.75 31.15
N ILE B 317 5.78 23.65 30.16
CA ILE B 317 5.82 23.16 28.78
C ILE B 317 7.12 22.37 28.53
N ALA B 318 8.23 22.87 29.08
CA ALA B 318 9.48 22.10 28.98
C ALA B 318 9.31 20.70 29.58
N LYS B 319 8.65 20.60 30.72
CA LYS B 319 8.48 19.31 31.39
C LYS B 319 7.66 18.35 30.54
N CYS B 320 6.56 18.84 29.96
CA CYS B 320 5.76 17.98 29.09
C CYS B 320 6.62 17.48 27.94
N ASN B 321 7.54 18.33 27.45
CA ASN B 321 8.42 17.90 26.36
C ASN B 321 9.50 16.90 26.83
N ASP B 322 9.95 17.03 28.09
CA ASP B 322 10.81 16.02 28.70
C ASP B 322 10.14 14.65 28.63
N TYR B 323 8.89 14.57 29.10
CA TYR B 323 8.15 13.31 29.03
C TYR B 323 8.06 12.81 27.60
N ARG B 324 7.79 13.73 26.67
CA ARG B 324 7.67 13.35 25.26
C ARG B 324 8.95 12.71 24.74
N ARG B 325 10.09 13.37 25.01
CA ARG B 325 11.40 12.87 24.59
C ARG B 325 11.66 11.48 25.15
N ARG B 326 11.44 11.29 26.46
CA ARG B 326 11.76 10.01 27.07
C ARG B 326 10.88 8.90 26.50
N LEU B 327 9.60 9.17 26.31
CA LEU B 327 8.70 8.16 25.78
C LEU B 327 9.11 7.75 24.36
N LEU B 328 9.41 8.73 23.49
CA LEU B 328 9.91 8.38 22.16
C LEU B 328 11.19 7.55 22.26
N SER B 329 12.05 7.87 23.22
CA SER B 329 13.31 7.16 23.32
C SER B 329 13.13 5.70 23.77
N VAL B 330 11.98 5.35 24.38
CA VAL B 330 11.75 3.93 24.65
C VAL B 330 10.63 3.36 23.78
N ASN B 331 10.46 3.92 22.58
CA ASN B 331 9.63 3.32 21.53
C ASN B 331 8.15 3.36 21.87
N ILE B 332 7.72 4.38 22.59
CA ILE B 332 6.31 4.61 22.88
C ILE B 332 5.85 5.75 22.00
N ARG B 333 4.72 5.56 21.32
CA ARG B 333 4.21 6.56 20.40
C ARG B 333 3.44 7.58 21.20
N VAL B 334 3.93 8.81 21.20
CA VAL B 334 3.45 9.81 22.16
C VAL B 334 3.20 11.10 21.40
N ARG B 335 2.19 11.82 21.84
CA ARG B 335 1.87 13.14 21.35
C ARG B 335 1.74 14.08 22.54
N ALA B 336 2.41 15.23 22.46
CA ALA B 336 2.24 16.30 23.43
C ALA B 336 1.23 17.28 22.84
N ASP B 337 0.06 17.37 23.45
CA ASP B 337 -0.97 18.33 23.03
C ASP B 337 -0.77 19.63 23.81
N LEU B 338 -0.01 20.55 23.21
CA LEU B 338 0.37 21.81 23.84
C LEU B 338 -0.38 23.02 23.27
N ARG B 339 -1.59 22.80 22.72
CA ARG B 339 -2.29 23.88 22.03
C ARG B 339 -2.85 24.91 23.02
N ASP B 340 -2.54 26.19 22.78
CA ASP B 340 -3.11 27.27 23.60
C ASP B 340 -4.61 27.44 23.36
N ASN B 341 -5.10 27.03 22.18
CA ASN B 341 -6.46 27.31 21.75
C ASN B 341 -7.52 26.57 22.56
N TYR B 342 -7.17 25.45 23.20
CA TYR B 342 -8.18 24.56 23.77
C TYR B 342 -7.96 24.32 25.26
N SER B 343 -9.02 24.09 25.98
CA SER B 343 -8.85 23.86 27.37
C SER B 343 -8.38 22.48 27.69
N PRO B 344 -7.72 22.33 28.82
CA PRO B 344 -7.31 20.98 29.24
C PRO B 344 -8.46 19.99 29.29
N GLY B 345 -9.61 20.38 29.87
CA GLY B 345 -10.76 19.48 29.92
C GLY B 345 -11.29 19.13 28.54
N TRP B 346 -11.08 20.02 27.56
CA TRP B 346 -11.42 19.70 26.19
C TRP B 346 -10.41 18.73 25.58
N LYS B 347 -9.14 18.88 25.94
CA LYS B 347 -8.14 17.95 25.44
C LYS B 347 -8.39 16.55 25.98
N PHE B 348 -8.89 16.47 27.18
CA PHE B 348 -9.16 15.21 27.78
C PHE B 348 -10.21 14.50 27.01
N ASN B 349 -11.26 15.22 26.71
CA ASN B 349 -12.39 14.70 25.98
C ASN B 349 -12.04 14.30 24.55
N HIS B 350 -11.28 15.12 23.90
CA HIS B 350 -10.88 14.88 22.58
C HIS B 350 -10.04 13.64 22.42
N TRP B 351 -9.03 13.48 23.23
CA TRP B 351 -8.21 12.28 23.11
C TRP B 351 -8.90 11.04 23.68
N GLU B 352 -9.88 11.20 24.59
CA GLU B 352 -10.71 10.05 24.96
C GLU B 352 -11.56 9.56 23.78
N LEU B 353 -12.22 10.48 23.08
CA LEU B 353 -12.99 10.12 21.89
C LEU B 353 -12.15 9.31 20.90
N LYS B 354 -10.89 9.73 20.70
CA LYS B 354 -9.99 9.03 19.81
C LYS B 354 -9.44 7.75 20.40
N GLY B 355 -9.65 7.50 21.69
CA GLY B 355 -9.31 6.20 22.22
C GLY B 355 -7.87 6.02 22.62
N VAL B 356 -7.12 7.10 22.84
CA VAL B 356 -5.72 7.04 23.23
C VAL B 356 -5.58 6.27 24.54
N PRO B 357 -4.77 5.21 24.59
CA PRO B 357 -4.78 4.33 25.78
C PRO B 357 -4.42 5.02 27.09
N ILE B 358 -3.47 5.96 27.10
CA ILE B 358 -3.06 6.63 28.33
C ILE B 358 -3.00 8.14 28.11
N ARG B 359 -3.58 8.89 29.05
CA ARG B 359 -3.41 10.34 29.10
C ARG B 359 -2.43 10.68 30.22
N LEU B 360 -1.40 11.47 29.88
CA LEU B 360 -0.38 11.90 30.83
C LEU B 360 -0.68 13.36 31.19
N GLU B 361 -1.23 13.58 32.37
CA GLU B 361 -1.51 14.91 32.89
C GLU B 361 -0.30 15.41 33.65
N VAL B 362 0.13 16.63 33.33
CA VAL B 362 1.23 17.29 34.03
C VAL B 362 0.73 18.65 34.48
N GLY B 363 0.56 18.81 35.80
CA GLY B 363 0.29 20.10 36.38
C GLY B 363 1.53 20.70 37.05
N PRO B 364 1.47 22.00 37.34
CA PRO B 364 2.64 22.66 37.96
C PRO B 364 3.00 22.11 39.32
N ARG B 365 1.98 21.78 40.13
CA ARG B 365 2.26 21.14 41.41
C ARG B 365 2.96 19.79 41.21
N ASP B 366 2.53 19.03 40.21
CA ASP B 366 3.16 17.73 39.98
C ASP B 366 4.55 17.91 39.39
N MET B 367 4.72 18.91 38.54
CA MET B 367 6.05 19.20 38.02
C MET B 367 7.01 19.55 39.15
N LYS B 368 6.55 20.36 40.12
CA LYS B 368 7.38 20.79 41.24
C LYS B 368 7.51 19.72 42.32
N SER B 369 6.90 18.55 42.13
CA SER B 369 7.11 17.41 43.01
C SER B 369 7.58 16.19 42.22
N CYS B 370 8.06 16.42 41.01
CA CYS B 370 8.54 15.38 40.09
C CYS B 370 7.57 14.18 40.05
N GLN B 371 6.34 14.48 39.64
CA GLN B 371 5.33 13.44 39.46
C GLN B 371 4.41 13.87 38.32
N PHE B 372 3.59 12.91 37.88
CA PHE B 372 2.56 13.17 36.90
C PHE B 372 1.38 12.23 37.18
N VAL B 373 0.30 12.42 36.43
CA VAL B 373 -0.88 11.58 36.55
C VAL B 373 -1.06 10.82 35.24
N ALA B 374 -1.30 9.52 35.34
CA ALA B 374 -1.59 8.68 34.18
C ALA B 374 -3.02 8.15 34.29
N VAL B 375 -3.81 8.37 33.24
CA VAL B 375 -5.23 8.00 33.22
C VAL B 375 -5.45 6.97 32.11
N ARG B 376 -5.99 5.80 32.49
CA ARG B 376 -6.22 4.68 31.58
C ARG B 376 -7.50 4.89 30.81
N ARG B 377 -7.46 4.67 29.49
CA ARG B 377 -8.66 4.86 28.70
C ARG B 377 -9.69 3.75 28.94
N ASP B 378 -9.23 2.52 29.15
CA ASP B 378 -10.16 1.39 29.25
C ASP B 378 -10.92 1.39 30.58
N THR B 379 -10.24 1.72 31.69
CA THR B 379 -10.90 1.74 32.98
C THR B 379 -11.19 3.13 33.50
N GLY B 380 -10.47 4.14 33.02
CA GLY B 380 -10.58 5.49 33.54
C GLY B 380 -9.82 5.72 34.83
N GLU B 381 -9.01 4.75 35.25
CA GLU B 381 -8.36 4.83 36.55
C GLU B 381 -7.17 5.78 36.51
N LYS B 382 -7.07 6.63 37.53
CA LYS B 382 -6.02 7.63 37.64
C LYS B 382 -4.93 7.13 38.58
N LEU B 383 -3.66 7.31 38.16
CA LEU B 383 -2.50 6.96 38.98
C LEU B 383 -1.53 8.13 39.05
N THR B 384 -1.09 8.47 40.25
CA THR B 384 0.01 9.41 40.40
C THR B 384 1.32 8.61 40.37
N VAL B 385 2.18 8.96 39.42
CA VAL B 385 3.40 8.22 39.15
C VAL B 385 4.59 9.15 39.32
N ALA B 386 5.63 8.67 40.00
CA ALA B 386 6.86 9.43 40.14
C ALA B 386 7.48 9.64 38.77
N GLU B 387 8.15 10.79 38.61
CA GLU B 387 8.67 11.14 37.29
C GLU B 387 9.67 10.10 36.79
N ASN B 388 10.56 9.64 37.67
CA ASN B 388 11.64 8.78 37.23
C ASN B 388 11.16 7.41 36.76
N GLU B 389 9.93 7.01 37.11
CA GLU B 389 9.45 5.72 36.62
C GLU B 389 8.60 5.81 35.37
N ALA B 390 8.52 7.01 34.75
CA ALA B 390 7.65 7.19 33.60
C ALA B 390 7.83 6.10 32.56
N GLU B 391 9.08 5.83 32.14
CA GLU B 391 9.31 4.87 31.06
C GLU B 391 8.78 3.49 31.42
N THR B 392 9.09 3.04 32.64
CA THR B 392 8.72 1.69 33.08
C THR B 392 7.22 1.56 33.30
N LYS B 393 6.67 2.33 34.25
CA LYS B 393 5.25 2.22 34.56
C LYS B 393 4.41 2.31 33.29
N LEU B 394 4.65 3.34 32.50
CA LEU B 394 3.79 3.56 31.32
C LEU B 394 3.87 2.39 30.35
N GLN B 395 5.05 1.80 30.19
CA GLN B 395 5.15 0.60 29.36
C GLN B 395 4.31 -0.52 29.95
N ALA B 396 4.49 -0.78 31.24
CA ALA B 396 3.72 -1.81 31.92
C ALA B 396 2.23 -1.58 31.72
N ILE B 397 1.77 -0.36 31.99
CA ILE B 397 0.35 -0.06 31.87
C ILE B 397 -0.15 -0.36 30.46
N LEU B 398 0.65 -0.03 29.43
CA LEU B 398 0.17 -0.29 28.08
C LEU B 398 -0.06 -1.78 27.87
N GLU B 399 0.90 -2.61 28.34
CA GLU B 399 0.71 -4.04 28.21
C GLU B 399 -0.54 -4.47 28.94
N ASP B 400 -0.78 -3.91 30.11
CA ASP B 400 -1.92 -4.34 30.89
C ASP B 400 -3.22 -3.91 30.22
N ILE B 401 -3.20 -2.81 29.47
CA ILE B 401 -4.40 -2.42 28.74
C ILE B 401 -4.71 -3.46 27.68
N GLN B 402 -3.68 -3.84 26.90
CA GLN B 402 -3.87 -4.82 25.85
C GLN B 402 -4.53 -6.09 26.40
N VAL B 403 -3.83 -6.80 27.29
CA VAL B 403 -4.37 -7.89 28.11
C VAL B 403 -5.82 -7.63 28.51
N THR B 404 -6.07 -6.51 29.19
CA THR B 404 -7.39 -6.31 29.76
C THR B 404 -8.45 -6.36 28.68
N LEU B 405 -8.23 -5.62 27.59
CA LEU B 405 -9.21 -5.61 26.52
C LEU B 405 -9.47 -7.02 26.02
N PHE B 406 -8.40 -7.76 25.73
CA PHE B 406 -8.59 -9.10 25.21
C PHE B 406 -9.33 -9.95 26.24
N THR B 407 -8.93 -9.84 27.51
CA THR B 407 -9.58 -10.66 28.53
C THR B 407 -11.06 -10.35 28.57
N ARG B 408 -11.40 -9.05 28.60
CA ARG B 408 -12.81 -8.70 28.68
C ARG B 408 -13.56 -9.27 27.48
N ALA B 409 -13.00 -9.06 26.27
CA ALA B 409 -13.70 -9.51 25.08
C ALA B 409 -13.87 -11.02 25.11
N SER B 410 -12.83 -11.75 25.57
CA SER B 410 -12.93 -13.20 25.62
C SER B 410 -14.02 -13.64 26.60
N GLU B 411 -14.07 -12.98 27.76
CA GLU B 411 -15.15 -13.27 28.70
C GLU B 411 -16.48 -13.10 28.00
N ASP B 412 -16.62 -12.01 27.30
CA ASP B 412 -17.80 -11.75 26.57
C ASP B 412 -18.12 -12.84 25.57
N LEU B 413 -17.16 -13.27 24.80
CA LEU B 413 -17.35 -14.35 23.85
C LEU B 413 -17.79 -15.62 24.57
N LYS B 414 -17.12 -15.94 25.67
CA LYS B 414 -17.41 -17.22 26.31
C LYS B 414 -18.80 -17.25 26.93
N THR B 415 -19.34 -16.11 27.35
CA THR B 415 -20.70 -16.13 27.88
C THR B 415 -21.74 -16.16 26.75
N HIS B 416 -21.37 -15.72 25.55
CA HIS B 416 -22.32 -15.57 24.47
C HIS B 416 -22.20 -16.66 23.42
N MET B 417 -21.39 -17.69 23.68
CA MET B 417 -21.25 -18.84 22.81
C MET B 417 -21.38 -20.09 23.64
N VAL B 418 -22.44 -20.82 23.39
CA VAL B 418 -22.76 -22.00 24.15
C VAL B 418 -23.36 -23.07 23.31
N VAL B 419 -23.25 -24.29 23.80
CA VAL B 419 -23.69 -25.49 23.13
C VAL B 419 -25.13 -25.81 23.38
N ALA B 420 -25.87 -26.14 22.35
CA ALA B 420 -27.26 -26.50 22.48
C ALA B 420 -27.53 -27.72 21.63
N ASN B 421 -28.41 -28.61 22.05
CA ASN B 421 -28.65 -29.79 21.25
C ASN B 421 -30.02 -30.01 20.61
N THR B 422 -30.90 -29.03 20.60
CA THR B 422 -32.21 -29.23 19.99
C THR B 422 -32.68 -27.96 19.40
N MET B 423 -33.55 -27.98 18.40
CA MET B 423 -33.95 -26.69 17.83
C MET B 423 -34.65 -25.81 18.86
N GLU B 424 -35.26 -26.42 19.88
CA GLU B 424 -35.91 -25.71 20.98
C GLU B 424 -34.92 -24.86 21.78
N ASP B 425 -33.98 -25.53 22.46
CA ASP B 425 -32.91 -24.83 23.15
C ASP B 425 -32.19 -23.87 22.21
N PHE B 426 -31.96 -24.30 20.97
CA PHE B 426 -31.21 -23.48 20.01
C PHE B 426 -31.92 -22.14 19.76
N GLN B 427 -33.23 -22.18 19.46
CA GLN B 427 -33.95 -20.95 19.16
C GLN B 427 -34.09 -20.09 20.40
N LYS B 428 -34.25 -20.69 21.58
CA LYS B 428 -34.30 -19.87 22.81
C LYS B 428 -32.99 -19.10 23.01
N ILE B 429 -31.87 -19.82 23.02
CA ILE B 429 -30.56 -19.19 23.21
C ILE B 429 -30.29 -18.17 22.11
N LEU B 430 -30.64 -18.52 20.87
CA LEU B 430 -30.49 -17.60 19.75
C LEU B 430 -31.25 -16.30 20.01
N ASP B 431 -32.53 -16.41 20.37
CA ASP B 431 -33.32 -15.24 20.70
C ASP B 431 -32.73 -14.43 21.86
N SER B 432 -31.95 -15.07 22.73
CA SER B 432 -31.28 -14.31 23.79
C SER B 432 -30.14 -13.42 23.30
N GLY B 433 -29.87 -13.38 21.99
CA GLY B 433 -28.79 -12.56 21.49
C GLY B 433 -27.42 -13.22 21.55
N LYS B 434 -27.37 -14.53 21.29
CA LYS B 434 -26.13 -15.29 21.39
C LYS B 434 -25.90 -16.08 20.11
N ILE B 435 -24.74 -16.73 20.05
CA ILE B 435 -24.40 -17.66 18.98
C ILE B 435 -24.28 -19.04 19.61
N VAL B 436 -24.52 -20.08 18.80
CA VAL B 436 -24.83 -21.41 19.31
C VAL B 436 -24.09 -22.48 18.51
N GLN B 437 -23.48 -23.43 19.21
CA GLN B 437 -22.88 -24.60 18.57
C GLN B 437 -23.89 -25.75 18.63
N ILE B 438 -24.43 -26.13 17.47
CA ILE B 438 -25.46 -27.18 17.40
C ILE B 438 -24.96 -28.38 16.61
N PRO B 439 -25.44 -29.60 16.90
CA PRO B 439 -25.12 -30.74 16.03
C PRO B 439 -25.80 -30.57 14.68
N PHE B 440 -25.02 -30.73 13.60
CA PHE B 440 -25.48 -30.32 12.29
C PHE B 440 -25.09 -31.34 11.23
N CYS B 441 -26.07 -31.67 10.36
CA CYS B 441 -25.94 -32.62 9.26
C CYS B 441 -25.19 -32.03 8.07
N GLY B 442 -25.14 -30.71 7.97
CA GLY B 442 -24.28 -30.03 7.01
C GLY B 442 -24.90 -29.74 5.65
N GLU B 443 -26.15 -30.09 5.44
CA GLU B 443 -26.73 -29.99 4.10
C GLU B 443 -27.31 -28.60 3.85
N ILE B 444 -27.24 -28.17 2.59
CA ILE B 444 -27.71 -26.83 2.22
C ILE B 444 -29.19 -26.68 2.55
N ASP B 445 -29.99 -27.71 2.27
CA ASP B 445 -31.42 -27.69 2.58
C ASP B 445 -31.65 -27.43 4.06
N CYS B 446 -30.94 -28.17 4.93
CA CYS B 446 -31.19 -28.08 6.36
C CYS B 446 -30.68 -26.76 6.93
N GLU B 447 -29.61 -26.20 6.37
CA GLU B 447 -29.17 -24.88 6.80
C GLU B 447 -30.19 -23.82 6.37
N ASP B 448 -30.69 -23.92 5.13
CA ASP B 448 -31.77 -23.07 4.68
C ASP B 448 -32.94 -23.16 5.65
N TRP B 449 -33.26 -24.38 6.09
CA TRP B 449 -34.38 -24.57 7.00
C TRP B 449 -34.10 -23.93 8.34
N ILE B 450 -32.89 -24.10 8.88
CA ILE B 450 -32.54 -23.46 10.15
C ILE B 450 -32.75 -21.96 10.07
N LYS B 451 -32.26 -21.34 8.99
CA LYS B 451 -32.45 -19.90 8.81
C LYS B 451 -33.93 -19.54 8.76
N LYS B 452 -34.69 -20.24 7.90
CA LYS B 452 -36.09 -19.90 7.69
C LYS B 452 -36.90 -20.06 8.97
N THR B 453 -36.72 -21.18 9.67
CA THR B 453 -37.42 -21.37 10.93
C THR B 453 -37.05 -20.29 11.93
N THR B 454 -35.75 -20.15 12.24
CA THR B 454 -35.39 -19.27 13.34
C THR B 454 -35.69 -17.81 13.05
N ALA B 455 -35.99 -17.44 11.79
CA ALA B 455 -36.60 -16.13 11.57
C ALA B 455 -38.00 -16.04 12.19
N ARG B 456 -38.81 -17.08 12.02
CA ARG B 456 -40.18 -17.08 12.55
C ARG B 456 -40.33 -18.03 13.74
N MET B 467 -33.84 -11.57 11.81
CA MET B 467 -33.56 -12.42 10.66
C MET B 467 -33.18 -13.82 11.10
N GLY B 468 -33.19 -14.76 10.15
CA GLY B 468 -32.80 -16.12 10.47
C GLY B 468 -31.33 -16.22 10.84
N ALA B 469 -31.01 -17.30 11.54
CA ALA B 469 -29.63 -17.58 11.89
C ALA B 469 -28.92 -18.25 10.72
N LYS B 470 -27.73 -17.76 10.41
CA LYS B 470 -26.85 -18.37 9.43
C LYS B 470 -25.79 -19.18 10.16
N SER B 471 -25.19 -20.12 9.43
CA SER B 471 -24.01 -20.76 9.99
C SER B 471 -22.86 -19.76 10.01
N LEU B 472 -21.98 -19.89 11.00
CA LEU B 472 -20.77 -19.09 11.07
C LEU B 472 -19.54 -19.91 10.71
N CYS B 473 -19.36 -21.03 11.40
CA CYS B 473 -18.21 -21.86 11.05
C CYS B 473 -18.38 -23.20 11.75
N ILE B 474 -17.71 -24.22 11.22
CA ILE B 474 -17.58 -25.50 11.88
C ILE B 474 -16.28 -25.46 12.67
N PRO B 475 -16.31 -25.33 13.99
CA PRO B 475 -15.08 -25.07 14.73
C PRO B 475 -14.13 -26.26 14.70
N PHE B 476 -12.84 -25.96 14.56
CA PHE B 476 -11.84 -27.02 14.71
C PHE B 476 -11.92 -27.66 16.09
N LYS B 477 -12.10 -26.83 17.11
CA LYS B 477 -12.14 -27.26 18.50
C LYS B 477 -13.50 -26.85 19.07
N PRO B 478 -14.54 -27.63 18.83
CA PRO B 478 -15.87 -27.31 19.38
C PRO B 478 -15.86 -27.39 20.90
N LEU B 479 -16.88 -26.77 21.51
CA LEU B 479 -16.99 -26.79 22.97
C LEU B 479 -17.13 -28.22 23.50
N CYS B 480 -17.92 -29.05 22.84
CA CYS B 480 -18.24 -30.38 23.34
C CYS B 480 -18.18 -31.37 22.20
N GLU B 481 -17.58 -32.52 22.44
CA GLU B 481 -17.44 -33.52 21.39
C GLU B 481 -18.79 -34.13 21.05
N LEU B 482 -19.00 -34.35 19.76
CA LEU B 482 -20.30 -34.79 19.26
C LEU B 482 -20.58 -36.24 19.67
N GLN B 483 -21.82 -36.50 20.09
CA GLN B 483 -22.18 -37.85 20.53
C GLN B 483 -22.33 -38.77 19.32
N PRO B 484 -21.87 -40.01 19.42
CA PRO B 484 -22.05 -40.96 18.31
C PRO B 484 -23.52 -41.22 18.03
N GLY B 485 -23.84 -41.33 16.75
CA GLY B 485 -25.23 -41.52 16.34
C GLY B 485 -26.12 -40.31 16.59
N ALA B 486 -25.54 -39.23 17.13
CA ALA B 486 -26.33 -38.02 17.36
C ALA B 486 -26.88 -37.49 16.05
N LYS B 487 -28.10 -36.98 16.10
CA LYS B 487 -28.77 -36.50 14.91
C LYS B 487 -28.81 -34.97 14.91
N CYS B 488 -28.70 -34.41 13.71
CA CYS B 488 -28.73 -32.97 13.53
C CYS B 488 -30.11 -32.42 13.90
N VAL B 489 -30.13 -31.19 14.36
CA VAL B 489 -31.33 -30.56 14.81
C VAL B 489 -32.52 -30.69 13.92
N CYS B 490 -32.30 -31.03 12.68
CA CYS B 490 -33.40 -31.38 11.79
C CYS B 490 -33.98 -32.77 12.07
N GLY B 491 -33.29 -33.60 12.85
CA GLY B 491 -33.77 -34.92 13.21
C GLY B 491 -33.82 -35.94 12.10
N LYS B 492 -33.68 -35.53 10.84
CA LYS B 492 -33.76 -36.43 9.69
C LYS B 492 -32.42 -37.11 9.38
N ASN B 493 -31.31 -36.39 9.54
CA ASN B 493 -30.00 -36.94 9.21
C ASN B 493 -29.10 -36.97 10.45
N PRO B 494 -28.10 -37.85 10.47
CA PRO B 494 -27.12 -37.80 11.56
C PRO B 494 -26.28 -36.54 11.48
N ALA B 495 -25.94 -36.02 12.66
CA ALA B 495 -25.08 -34.85 12.72
C ALA B 495 -23.69 -35.19 12.22
N LYS B 496 -23.20 -34.44 11.24
CA LYS B 496 -21.81 -34.65 10.85
C LYS B 496 -20.86 -33.92 11.78
N TYR B 497 -21.26 -32.75 12.26
CA TYR B 497 -20.37 -31.99 13.15
C TYR B 497 -21.03 -30.91 13.94
N TYR B 498 -20.43 -30.55 15.06
CA TYR B 498 -20.88 -29.35 15.75
C TYR B 498 -20.57 -28.13 14.91
N THR B 499 -21.57 -27.25 14.76
CA THR B 499 -21.48 -26.09 13.88
C THR B 499 -21.96 -24.84 14.62
N LEU B 500 -21.13 -23.82 14.59
CA LEU B 500 -21.43 -22.53 15.18
C LEU B 500 -22.34 -21.72 14.24
N PHE B 501 -23.56 -21.41 14.76
CA PHE B 501 -24.62 -20.68 14.08
C PHE B 501 -24.94 -19.37 14.81
N GLY B 502 -25.44 -18.39 14.07
CA GLY B 502 -25.95 -17.20 14.72
C GLY B 502 -26.39 -16.16 13.71
N ARG B 503 -27.00 -15.10 14.24
CA ARG B 503 -27.26 -13.90 13.45
C ARG B 503 -25.93 -13.24 13.10
N SER B 504 -25.85 -12.65 11.91
CA SER B 504 -24.53 -12.32 11.39
C SER B 504 -24.60 -11.07 10.51
N TYR B 505 -23.44 -10.43 10.36
CA TYR B 505 -23.26 -9.25 9.54
C TYR B 505 -23.08 -9.60 8.07
O4' HFG C . -2.45 15.25 -11.29
C21 HFG C . -2.14 16.40 -11.56
C3' HFG C . -1.66 17.37 -10.51
C2' HFG C . -0.93 16.71 -9.33
N1' HFG C . -1.86 16.01 -8.41
C6' HFG C . -1.21 15.43 -7.23
C5' HFG C . -0.01 14.53 -7.56
C4' HFG C . 0.92 15.22 -8.56
C39 HFG C . 0.12 15.69 -9.75
O7' HFG C . 0.96 16.20 -10.78
C1' HFG C . -2.20 16.93 -12.97
N3 HFG C . -3.12 16.17 -13.82
C4 HFG C . -4.49 16.36 -13.64
O11 HFG C . -4.92 17.16 -12.83
C10 HFG C . -5.31 15.48 -14.48
C5 HFG C . -6.70 15.53 -14.38
C2 HFG C . -2.63 15.28 -14.73
N1 HFG C . -3.32 14.50 -15.48
C9 HFG C . -4.70 14.59 -15.36
C8 HFG C . -5.48 13.74 -16.14
C7 HFG C . -6.86 13.79 -16.04
BR1 HFG C . -7.87 12.58 -17.11
C6 HFG C . -7.47 14.69 -15.18
CL1 HFG C . -9.20 14.86 -15.09
C4 JE6 D . 1.97 9.16 -16.41
C14 JE6 D . 2.76 11.66 -15.35
C5 JE6 D . 1.52 7.91 -16.85
C6 JE6 D . -0.17 8.60 -18.52
C11 JE6 D . -0.20 6.38 -23.05
C7 JE6 D . -1.37 8.06 -19.28
C8 JE6 D . -0.99 7.48 -20.61
C9 JE6 D . -1.22 6.14 -20.89
C10 JE6 D . -0.81 5.60 -22.10
C12 JE6 D . 0.01 7.71 -22.79
C13 JE6 D . -0.36 8.27 -21.58
C3 JE6 D . 3.00 9.17 -15.49
C1 JE6 D . 3.05 6.78 -15.54
C15 JE6 D . 3.58 12.76 -14.70
C16 JE6 D . 4.26 12.04 -13.51
C17 JE6 D . 5.59 12.57 -13.20
C18 JE6 D . 3.40 12.05 -12.20
C19 JE6 D . 3.34 13.24 -11.29
C2 JE6 D . 3.55 7.96 -15.04
C20 JE6 D . 4.02 12.00 -10.84
C21 JE6 D . 4.36 10.61 -13.94
O1 JE6 D . 5.16 9.79 -13.52
N JE6 D . 0.46 7.69 -17.74
C JE6 D . 3.60 5.44 -15.11
O JE6 D . 0.18 9.77 -18.60
N1 JE6 D . 2.05 6.75 -16.42
N2 JE6 D . 3.44 10.42 -14.93
N3 JE6 D . 6.63 12.95 -12.92
ZN ZN E . 10.72 33.20 -28.16
BR BR F . 0.47 14.46 -13.15
ZN ZN G . 12.26 -9.78 -3.98
CA CA H . 11.03 -18.47 -9.95
C1 GOL I . -4.96 1.49 -3.01
O1 GOL I . -4.90 2.45 -4.08
C2 GOL I . -3.63 0.76 -2.92
O2 GOL I . -3.73 -0.28 -1.92
C3 GOL I . -3.30 0.13 -4.27
O3 GOL I . -4.28 -0.85 -4.59
ZN ZN J . -1.89 9.16 12.85
O4' HFG K . -13.08 -13.21 -3.51
C21 HFG K . -13.49 -14.32 -3.30
C3' HFG K . -12.55 -15.47 -2.99
C2' HFG K . -11.17 -15.05 -2.47
N1' HFG K . -10.37 -14.34 -3.47
C6' HFG K . -8.98 -14.15 -3.01
C5' HFG K . -8.92 -13.33 -1.71
C4' HFG K . -9.84 -13.95 -0.65
C39 HFG K . -11.24 -14.16 -1.22
O7' HFG K . -12.11 -14.74 -0.26
C1' HFG K . -14.97 -14.64 -3.33
N3 HFG K . -15.70 -13.60 -4.04
C4 HFG K . -15.67 -13.61 -5.43
O11 HFG K . -15.05 -14.44 -6.03
C10 HFG K . -16.40 -12.49 -6.05
C5 HFG K . -16.48 -12.39 -7.43
C2 HFG K . -16.35 -12.62 -3.34
N1 HFG K . -16.98 -11.61 -3.84
C9 HFG K . -17.01 -11.53 -5.23
C8 HFG K . -17.68 -10.46 -5.82
C7 HFG K . -17.76 -10.36 -7.20
BR1 HFG K . -18.63 -8.85 -7.95
C6 HFG K . -17.17 -11.34 -8.01
CL1 HFG K . -17.32 -11.28 -9.74
C4 JE6 L . -16.78 -7.18 2.15
C14 JE6 L . -15.99 -9.88 2.54
C5 JE6 L . -17.08 -5.84 1.90
C6 JE6 L . -18.94 -6.15 0.27
C11 JE6 L . -23.09 -3.43 1.28
C7 JE6 L . -19.80 -5.36 -0.69
C8 JE6 L . -20.98 -4.69 -0.04
C9 JE6 L . -21.86 -5.42 0.75
C10 JE6 L . -22.90 -4.78 1.42
C12 JE6 L . -22.24 -2.70 0.48
C13 JE6 L . -21.20 -3.33 -0.18
C3 JE6 L . -15.81 -7.44 3.11
C1 JE6 L . -15.57 -5.09 3.47
C15 JE6 L . -15.54 -11.15 3.26
C16 JE6 L . -14.18 -10.72 3.88
C17 JE6 L . -13.79 -11.40 5.12
C18 JE6 L . -13.05 -10.76 2.78
C19 JE6 L . -12.21 -11.97 2.54
C2 JE6 L . -15.19 -6.39 3.79
C20 JE6 L . -11.60 -10.73 3.12
C21 JE6 L . -14.41 -9.25 4.17
O1 JE6 L . -13.82 -8.60 5.02
N JE6 L . -18.02 -5.41 0.96
C JE6 L . -14.99 -3.91 4.19
O JE6 L . -19.05 -7.35 0.39
N1 JE6 L . -16.49 -4.82 2.53
N2 JE6 L . -15.39 -8.80 3.35
N3 JE6 L . -13.47 -11.87 6.10
ZN ZN M . -29.88 -31.27 9.48
BR BR N . -14.31 -12.53 -0.33
CA CA O . -4.92 -41.19 -16.04
CA CA P . -24.60 -11.90 -2.37
CA CA Q . -18.20 -6.93 -26.63
ZN ZN R . 11.74 17.39 42.58
#